data_5AX9
#
_entry.id   5AX9
#
_cell.length_a   47.178
_cell.length_b   123.204
_cell.length_c   157.652
_cell.angle_alpha   90.00
_cell.angle_beta   90.00
_cell.angle_gamma   90.00
#
_symmetry.space_group_name_H-M   'P 2 21 21'
#
loop_
_entity.id
_entity.type
_entity.pdbx_description
1 polymer 'TRAF2 and NCK-interacting protein kinase'
2 non-polymer 4-methoxy-3-[2-[(3-methoxy-4-morpholin-4-yl-phenyl)amino]pyridin-4-yl]benzenecarbonitrile
3 non-polymer 'SULFATE ION'
4 water water
#
_entity_poly.entity_id   1
_entity_poly.type   'polypeptide(L)'
_entity_poly.pdbx_seq_one_letter_code
;GSGADEIDLSALRDPAGIFELVELVGNGTYGQVYKGRHVKTGQLAAIKVMDVTGDEEEEIKQEINMLKKYSHHRNIATYY
GAFIKKNPPGMDDQLWLVMEFCGAGSVTDLIKNTKGNTLKEEWIAYICREILRGLSHLHQHKVIHRDIKGQNVLLTENAE
VKLVDFGVSAQLDRTVGRRNTFIGTPYWMAPEVIACDENPDATYDFKSDLWSLGITAIEMAEGAPPLCDMHPMRALFLIP
RNPAPRLKSKKWSKKFQSFIESCLVKNHSQRPATEQLMKHPFIRDQPNERQVRIQLKDHIDRTKKKRG
;
_entity_poly.pdbx_strand_id   A,B,C
#
loop_
_chem_comp.id
_chem_comp.type
_chem_comp.name
_chem_comp.formula
4KT non-polymer 4-methoxy-3-[2-[(3-methoxy-4-morpholin-4-yl-phenyl)amino]pyridin-4-yl]benzenecarbonitrile 'C24 H24 N4 O3'
SO4 non-polymer 'SULFATE ION' 'O4 S -2'
#
# COMPACT_ATOMS: atom_id res chain seq x y z
N GLU A 6 -0.21 -4.87 20.28
CA GLU A 6 0.29 -6.13 20.82
C GLU A 6 -0.77 -6.81 21.69
N ILE A 7 -0.82 -8.14 21.63
CA ILE A 7 -1.91 -8.90 22.23
C ILE A 7 -1.63 -9.42 23.65
N ASP A 8 -2.61 -9.20 24.53
CA ASP A 8 -2.57 -9.73 25.89
C ASP A 8 -3.20 -11.11 25.96
N LEU A 9 -2.41 -12.12 26.28
CA LEU A 9 -2.92 -13.48 26.43
C LEU A 9 -4.03 -13.55 27.48
N SER A 10 -3.92 -12.75 28.53
CA SER A 10 -4.89 -12.77 29.62
C SER A 10 -6.23 -12.16 29.23
N ALA A 11 -6.28 -11.51 28.07
CA ALA A 11 -7.51 -10.87 27.59
C ALA A 11 -8.23 -11.66 26.51
N LEU A 12 -7.73 -12.85 26.20
CA LEU A 12 -8.32 -13.66 25.13
C LEU A 12 -9.51 -14.46 25.64
N ARG A 13 -10.63 -14.35 24.94
CA ARG A 13 -11.83 -15.09 25.31
C ARG A 13 -11.70 -16.56 24.99
N ASP A 14 -12.55 -17.37 25.62
CA ASP A 14 -12.75 -18.76 25.24
C ASP A 14 -13.34 -18.83 23.83
N PRO A 15 -12.87 -19.78 23.01
CA PRO A 15 -13.40 -19.91 21.65
C PRO A 15 -14.81 -20.52 21.54
N ALA A 16 -15.34 -21.02 22.66
CA ALA A 16 -16.67 -21.67 22.67
C ALA A 16 -17.76 -20.80 22.04
N GLY A 17 -18.43 -21.34 21.02
CA GLY A 17 -19.51 -20.64 20.35
C GLY A 17 -19.04 -19.65 19.28
N ILE A 18 -17.73 -19.43 19.19
CA ILE A 18 -17.18 -18.51 18.19
C ILE A 18 -16.58 -19.30 17.03
N PHE A 19 -15.58 -20.12 17.31
CA PHE A 19 -15.05 -21.03 16.30
C PHE A 19 -15.16 -22.47 16.77
N GLU A 20 -15.16 -23.41 15.84
CA GLU A 20 -15.16 -24.83 16.15
C GLU A 20 -14.28 -25.59 15.15
N LEU A 21 -13.66 -26.67 15.60
CA LEU A 21 -12.79 -27.50 14.77
C LEU A 21 -13.59 -28.50 13.92
N VAL A 22 -13.22 -28.61 12.65
CA VAL A 22 -13.88 -29.57 11.76
C VAL A 22 -13.05 -30.83 11.59
N GLU A 23 -11.84 -30.67 11.07
CA GLU A 23 -10.95 -31.81 10.86
C GLU A 23 -9.49 -31.37 10.84
N LEU A 24 -8.61 -32.32 11.09
CA LEU A 24 -7.18 -32.05 11.06
C LEU A 24 -6.72 -31.85 9.63
N VAL A 25 -5.81 -30.89 9.44
CA VAL A 25 -5.42 -30.47 8.12
C VAL A 25 -3.92 -30.70 7.94
N GLY A 26 -3.18 -30.56 9.03
CA GLY A 26 -1.74 -30.77 9.01
C GLY A 26 -1.12 -30.43 10.35
N ASN A 27 0.16 -30.05 10.31
CA ASN A 27 0.88 -29.65 11.51
C ASN A 27 1.63 -28.34 11.30
N GLY A 28 1.84 -27.62 12.38
CA GLY A 28 2.58 -26.37 12.35
C GLY A 28 3.65 -26.37 13.41
N THR A 29 4.31 -25.24 13.60
CA THR A 29 5.35 -25.13 14.60
C THR A 29 4.77 -25.13 16.02
N TYR A 30 5.02 -26.23 16.74
CA TYR A 30 4.54 -26.42 18.11
C TYR A 30 3.03 -26.37 18.23
N GLY A 31 2.36 -26.99 17.26
CA GLY A 31 0.90 -27.10 17.26
C GLY A 31 0.33 -27.83 16.06
N GLN A 32 -0.90 -28.30 16.19
CA GLN A 32 -1.63 -28.90 15.09
C GLN A 32 -2.52 -27.89 14.40
N VAL A 33 -2.86 -28.16 13.15
CA VAL A 33 -3.59 -27.21 12.34
C VAL A 33 -4.89 -27.81 11.83
N TYR A 34 -5.98 -27.07 12.03
CA TYR A 34 -7.30 -27.54 11.68
C TYR A 34 -8.04 -26.69 10.66
N LYS A 35 -8.77 -27.35 9.78
CA LYS A 35 -9.87 -26.71 9.10
C LYS A 35 -10.91 -26.40 10.17
N GLY A 36 -11.25 -25.13 10.34
CA GLY A 36 -12.16 -24.73 11.39
C GLY A 36 -13.37 -24.02 10.81
N ARG A 37 -14.28 -23.61 11.67
CA ARG A 37 -15.47 -22.92 11.19
C ARG A 37 -15.95 -21.87 12.18
N HIS A 38 -16.20 -20.66 11.68
CA HIS A 38 -16.91 -19.66 12.46
C HIS A 38 -18.36 -20.14 12.67
N VAL A 39 -18.68 -20.54 13.90
CA VAL A 39 -19.91 -21.26 14.19
C VAL A 39 -21.18 -20.54 13.73
N LYS A 40 -21.26 -19.24 14.03
CA LYS A 40 -22.48 -18.48 13.74
C LYS A 40 -22.74 -18.28 12.25
N THR A 41 -21.68 -18.00 11.49
CA THR A 41 -21.84 -17.67 10.08
C THR A 41 -21.61 -18.85 9.15
N GLY A 42 -20.81 -19.82 9.59
CA GLY A 42 -20.45 -20.95 8.75
C GLY A 42 -19.17 -20.77 7.95
N GLN A 43 -18.56 -19.59 8.01
CA GLN A 43 -17.35 -19.33 7.23
C GLN A 43 -16.16 -20.14 7.72
N LEU A 44 -15.45 -20.75 6.78
CA LEU A 44 -14.30 -21.59 7.07
C LEU A 44 -13.05 -20.79 7.50
N ALA A 45 -12.20 -21.42 8.30
CA ALA A 45 -10.98 -20.80 8.80
C ALA A 45 -9.96 -21.86 9.19
N ALA A 46 -8.69 -21.47 9.18
CA ALA A 46 -7.64 -22.35 9.63
C ALA A 46 -7.29 -21.99 11.07
N ILE A 47 -7.18 -23.02 11.91
CA ILE A 47 -6.97 -22.81 13.34
C ILE A 47 -5.77 -23.62 13.83
N LYS A 48 -4.76 -22.93 14.31
CA LYS A 48 -3.59 -23.57 14.89
C LYS A 48 -3.80 -23.72 16.38
N VAL A 49 -3.73 -24.94 16.89
CA VAL A 49 -3.98 -25.18 18.30
C VAL A 49 -2.70 -25.55 19.01
N MET A 50 -2.38 -24.80 20.06
CA MET A 50 -1.15 -25.03 20.81
C MET A 50 -1.43 -25.13 22.30
N ASP A 51 -0.87 -26.15 22.95
CA ASP A 51 -0.84 -26.19 24.40
C ASP A 51 -0.06 -24.99 24.85
N VAL A 52 -0.39 -24.43 26.01
CA VAL A 52 0.30 -23.21 26.41
C VAL A 52 0.80 -23.35 27.84
N THR A 53 2.01 -22.85 28.08
CA THR A 53 2.67 -22.97 29.37
C THR A 53 3.44 -21.68 29.64
N GLY A 54 3.73 -21.38 30.90
CA GLY A 54 4.60 -20.27 31.24
C GLY A 54 5.91 -20.34 30.46
N ASP A 55 6.34 -21.56 30.18
CA ASP A 55 7.47 -21.85 29.30
C ASP A 55 7.21 -21.27 27.92
N GLU A 56 6.28 -21.89 27.21
CA GLU A 56 6.06 -21.65 25.78
C GLU A 56 5.39 -20.30 25.49
N GLU A 57 4.90 -19.63 26.53
CA GLU A 57 3.98 -18.50 26.35
C GLU A 57 4.55 -17.32 25.57
N GLU A 58 5.73 -16.85 25.94
CA GLU A 58 6.27 -15.64 25.30
C GLU A 58 6.67 -15.91 23.84
N GLU A 59 6.95 -17.16 23.50
CA GLU A 59 7.15 -17.51 22.10
C GLU A 59 5.81 -17.57 21.38
N ILE A 60 4.84 -18.23 22.01
CA ILE A 60 3.47 -18.26 21.52
C ILE A 60 2.91 -16.85 21.32
N LYS A 61 3.10 -16.01 22.33
CA LYS A 61 2.61 -14.63 22.29
C LYS A 61 3.24 -13.89 21.12
N GLN A 62 4.48 -14.24 20.81
CA GLN A 62 5.22 -13.57 19.77
C GLN A 62 4.70 -13.99 18.40
N GLU A 63 4.31 -15.26 18.27
CA GLU A 63 3.73 -15.74 17.02
C GLU A 63 2.41 -15.04 16.71
N ILE A 64 1.55 -14.94 17.73
CA ILE A 64 0.28 -14.22 17.61
C ILE A 64 0.46 -12.76 17.16
N ASN A 65 1.34 -12.03 17.84
CA ASN A 65 1.54 -10.61 17.56
C ASN A 65 1.93 -10.32 16.12
N MET A 66 2.78 -11.17 15.55
CA MET A 66 3.21 -11.00 14.17
C MET A 66 2.12 -11.31 13.17
N LEU A 67 1.35 -12.36 13.43
CA LEU A 67 0.27 -12.69 12.52
C LEU A 67 -0.71 -11.53 12.51
N LYS A 68 -1.03 -11.05 13.71
CA LYS A 68 -1.96 -9.93 13.84
C LYS A 68 -1.40 -8.65 13.20
N LYS A 69 -0.14 -8.34 13.48
CA LYS A 69 0.46 -7.11 12.97
C LYS A 69 0.74 -7.14 11.46
N TYR A 70 1.29 -8.25 10.95
CA TYR A 70 1.87 -8.22 9.60
C TYR A 70 1.14 -9.07 8.58
N SER A 71 -0.17 -9.27 8.74
CA SER A 71 -0.91 -10.07 7.77
C SER A 71 -1.86 -9.24 6.92
N HIS A 72 -1.72 -7.92 6.99
CA HIS A 72 -2.51 -7.02 6.15
C HIS A 72 -1.81 -6.87 4.81
N HIS A 73 -1.86 -7.94 4.02
CA HIS A 73 -1.12 -7.99 2.78
C HIS A 73 -1.54 -9.22 1.99
N ARG A 74 -1.82 -9.02 0.71
CA ARG A 74 -2.39 -10.03 -0.19
C ARG A 74 -1.71 -11.41 -0.10
N ASN A 75 -0.43 -11.44 0.25
CA ASN A 75 0.31 -12.69 0.19
C ASN A 75 0.60 -13.29 1.55
N ILE A 76 -0.05 -12.76 2.58
CA ILE A 76 0.05 -13.32 3.90
C ILE A 76 -1.34 -13.66 4.42
N ALA A 77 -1.53 -14.93 4.76
CA ALA A 77 -2.81 -15.42 5.27
C ALA A 77 -3.29 -14.54 6.43
N THR A 78 -4.49 -14.01 6.25
CA THR A 78 -5.05 -12.99 7.13
C THR A 78 -5.38 -13.47 8.56
N TYR A 79 -4.98 -12.68 9.55
CA TYR A 79 -5.32 -12.92 10.94
C TYR A 79 -6.84 -12.74 11.19
N TYR A 80 -7.45 -13.71 11.87
CA TYR A 80 -8.87 -13.60 12.23
C TYR A 80 -9.04 -13.36 13.72
N GLY A 81 -8.24 -14.04 14.53
CA GLY A 81 -8.33 -13.86 15.97
C GLY A 81 -7.51 -14.84 16.80
N ALA A 82 -7.56 -14.64 18.11
CA ALA A 82 -6.84 -15.48 19.04
C ALA A 82 -7.73 -15.78 20.23
N PHE A 83 -7.73 -17.02 20.68
CA PHE A 83 -8.59 -17.44 21.78
C PHE A 83 -7.87 -18.39 22.72
N ILE A 84 -8.33 -18.45 23.97
CA ILE A 84 -7.76 -19.40 24.92
C ILE A 84 -8.85 -20.28 25.52
N LYS A 85 -8.77 -21.57 25.23
CA LYS A 85 -9.72 -22.53 25.80
C LYS A 85 -9.28 -22.86 27.22
N LYS A 86 -9.97 -22.27 28.20
CA LYS A 86 -9.55 -22.37 29.60
C LYS A 86 -9.69 -23.81 30.13
N ASN A 87 -8.95 -24.12 31.20
CA ASN A 87 -8.71 -25.51 31.59
C ASN A 87 -7.98 -25.58 32.96
N PRO A 88 -8.58 -26.24 33.97
CA PRO A 88 -8.19 -26.18 35.40
C PRO A 88 -6.68 -26.27 35.70
N PRO A 89 -6.17 -25.39 36.58
CA PRO A 89 -4.76 -25.37 37.01
C PRO A 89 -4.44 -26.49 38.00
N GLY A 90 -3.19 -26.94 38.06
CA GLY A 90 -2.12 -26.43 37.22
C GLY A 90 -1.94 -27.21 35.93
N MET A 91 -2.87 -27.01 34.99
CA MET A 91 -2.78 -27.66 33.68
C MET A 91 -2.66 -26.69 32.52
N ASP A 92 -2.38 -27.26 31.36
CA ASP A 92 -2.24 -26.52 30.12
C ASP A 92 -3.56 -26.01 29.59
N ASP A 93 -3.59 -24.73 29.26
CA ASP A 93 -4.66 -24.20 28.43
C ASP A 93 -4.31 -24.38 26.95
N GLN A 94 -5.32 -24.43 26.09
CA GLN A 94 -5.10 -24.44 24.66
C GLN A 94 -5.28 -23.04 24.09
N LEU A 95 -4.39 -22.66 23.18
CA LEU A 95 -4.51 -21.39 22.49
C LEU A 95 -4.93 -21.64 21.06
N TRP A 96 -5.92 -20.88 20.59
CA TRP A 96 -6.40 -21.03 19.23
C TRP A 96 -6.03 -19.80 18.40
N LEU A 97 -5.11 -19.96 17.46
CA LEU A 97 -4.73 -18.89 16.57
C LEU A 97 -5.48 -19.07 15.26
N VAL A 98 -6.31 -18.08 14.91
CA VAL A 98 -7.28 -18.25 13.85
C VAL A 98 -6.96 -17.35 12.66
N MET A 99 -6.92 -17.96 11.47
CA MET A 99 -6.57 -17.25 10.25
C MET A 99 -7.41 -17.76 9.08
N GLU A 100 -7.36 -17.03 7.97
CA GLU A 100 -8.16 -17.38 6.81
C GLU A 100 -7.80 -18.78 6.31
N PHE A 101 -8.78 -19.44 5.72
CA PHE A 101 -8.62 -20.81 5.27
C PHE A 101 -8.22 -20.80 3.80
N CYS A 102 -7.10 -21.46 3.49
CA CYS A 102 -6.68 -21.65 2.11
C CYS A 102 -7.11 -23.04 1.63
N GLY A 103 -8.26 -23.08 0.94
CA GLY A 103 -8.91 -24.33 0.60
C GLY A 103 -8.18 -25.27 -0.32
N ALA A 104 -7.20 -24.75 -1.06
CA ALA A 104 -6.51 -25.55 -2.06
C ALA A 104 -5.33 -26.32 -1.46
N GLY A 105 -4.95 -25.96 -0.24
CA GLY A 105 -3.82 -26.60 0.41
C GLY A 105 -2.48 -25.97 0.03
N SER A 106 -1.40 -26.65 0.36
CA SER A 106 -0.05 -26.14 0.15
C SER A 106 0.48 -26.43 -1.24
N VAL A 107 1.59 -25.79 -1.58
CA VAL A 107 2.28 -26.03 -2.84
C VAL A 107 2.84 -27.46 -2.85
N THR A 108 3.20 -27.95 -1.67
CA THR A 108 3.68 -29.31 -1.51
C THR A 108 2.59 -30.31 -1.92
N ASP A 109 1.35 -29.97 -1.59
CA ASP A 109 0.21 -30.78 -2.03
C ASP A 109 0.02 -30.66 -3.53
N LEU A 110 0.21 -29.44 -4.06
CA LEU A 110 0.06 -29.19 -5.49
C LEU A 110 1.04 -30.03 -6.29
N ILE A 111 2.25 -30.19 -5.78
CA ILE A 111 3.28 -30.97 -6.44
C ILE A 111 2.88 -32.43 -6.52
N LYS A 112 2.44 -32.97 -5.38
CA LYS A 112 2.08 -34.38 -5.25
C LYS A 112 1.02 -34.83 -6.27
N ASN A 113 0.09 -33.95 -6.62
CA ASN A 113 -0.97 -34.30 -7.57
C ASN A 113 -0.82 -33.65 -8.95
N THR A 114 0.42 -33.39 -9.34
CA THR A 114 0.72 -33.00 -10.71
C THR A 114 1.56 -34.11 -11.35
N LYS A 115 1.43 -34.28 -12.65
CA LYS A 115 2.16 -35.33 -13.37
C LYS A 115 3.66 -35.20 -13.18
N GLY A 116 4.28 -36.27 -12.70
CA GLY A 116 5.72 -36.33 -12.56
C GLY A 116 6.25 -35.57 -11.36
N ASN A 117 5.34 -35.04 -10.56
CA ASN A 117 5.69 -34.21 -9.41
C ASN A 117 6.57 -33.03 -9.79
N THR A 118 6.27 -32.41 -10.94
CA THR A 118 6.93 -31.18 -11.35
C THR A 118 5.87 -30.22 -11.87
N LEU A 119 6.16 -28.92 -11.84
CA LEU A 119 5.21 -27.92 -12.29
C LEU A 119 5.77 -27.12 -13.47
N LYS A 120 4.88 -26.62 -14.33
CA LYS A 120 5.29 -25.76 -15.44
C LYS A 120 6.11 -24.59 -14.91
N GLU A 121 7.08 -24.16 -15.69
CA GLU A 121 7.90 -23.02 -15.31
C GLU A 121 7.03 -21.78 -15.09
N GLU A 122 6.02 -21.62 -15.95
CA GLU A 122 5.09 -20.50 -15.86
C GLU A 122 4.36 -20.44 -14.52
N TRP A 123 4.00 -21.61 -13.99
CA TRP A 123 3.39 -21.71 -12.67
C TRP A 123 4.39 -21.35 -11.59
N ILE A 124 5.60 -21.89 -11.72
CA ILE A 124 6.66 -21.65 -10.74
C ILE A 124 6.95 -20.16 -10.63
N ALA A 125 6.95 -19.48 -11.77
CA ALA A 125 7.26 -18.05 -11.79
C ALA A 125 6.17 -17.23 -11.10
N TYR A 126 4.91 -17.58 -11.35
CA TYR A 126 3.80 -16.92 -10.68
C TYR A 126 3.92 -17.09 -9.16
N ILE A 127 4.08 -18.34 -8.74
CA ILE A 127 4.21 -18.64 -7.31
C ILE A 127 5.42 -17.94 -6.67
N CYS A 128 6.57 -17.97 -7.33
CA CYS A 128 7.77 -17.36 -6.75
C CYS A 128 7.60 -15.85 -6.58
N ARG A 129 6.92 -15.21 -7.51
CA ARG A 129 6.72 -13.76 -7.40
C ARG A 129 5.89 -13.42 -6.17
N GLU A 130 4.86 -14.23 -5.94
CA GLU A 130 3.93 -14.03 -4.83
C GLU A 130 4.61 -14.21 -3.48
N ILE A 131 5.40 -15.28 -3.35
CA ILE A 131 6.19 -15.50 -2.15
C ILE A 131 7.15 -14.33 -1.92
N LEU A 132 7.86 -13.92 -2.96
CA LEU A 132 8.81 -12.82 -2.87
C LEU A 132 8.13 -11.55 -2.39
N ARG A 133 6.96 -11.29 -2.96
CA ARG A 133 6.18 -10.13 -2.60
C ARG A 133 5.78 -10.20 -1.12
N GLY A 134 5.37 -11.38 -0.66
CA GLY A 134 5.09 -11.58 0.74
C GLY A 134 6.32 -11.33 1.59
N LEU A 135 7.44 -11.92 1.19
CA LEU A 135 8.69 -11.80 1.95
C LEU A 135 9.11 -10.35 2.06
N SER A 136 9.01 -9.63 0.95
CA SER A 136 9.32 -8.20 0.92
C SER A 136 8.56 -7.43 1.99
N HIS A 137 7.25 -7.68 2.07
CA HIS A 137 6.42 -7.04 3.08
C HIS A 137 6.91 -7.34 4.50
N LEU A 138 7.33 -8.58 4.74
CA LEU A 138 7.81 -8.96 6.06
C LEU A 138 9.17 -8.33 6.35
N HIS A 139 10.07 -8.41 5.37
CA HIS A 139 11.42 -7.87 5.52
C HIS A 139 11.37 -6.36 5.74
N GLN A 140 10.45 -5.69 5.06
CA GLN A 140 10.21 -4.25 5.28
C GLN A 140 9.90 -3.92 6.73
N HIS A 141 9.19 -4.82 7.40
CA HIS A 141 8.87 -4.66 8.81
C HIS A 141 9.86 -5.42 9.69
N LYS A 142 11.02 -5.74 9.13
CA LYS A 142 12.13 -6.37 9.84
C LYS A 142 11.76 -7.75 10.39
N VAL A 143 10.86 -8.42 9.72
CA VAL A 143 10.50 -9.79 10.10
C VAL A 143 11.16 -10.80 9.19
N ILE A 144 11.82 -11.78 9.79
CA ILE A 144 12.33 -12.92 9.05
C ILE A 144 11.35 -14.08 9.19
N HIS A 145 11.06 -14.76 8.09
CA HIS A 145 10.10 -15.84 8.10
C HIS A 145 10.70 -17.09 8.75
N ARG A 146 11.86 -17.49 8.25
CA ARG A 146 12.69 -18.59 8.77
C ARG A 146 12.24 -19.98 8.36
N ASP A 147 11.02 -20.11 7.85
CA ASP A 147 10.50 -21.43 7.54
C ASP A 147 9.85 -21.47 6.15
N ILE A 148 10.44 -20.75 5.20
CA ILE A 148 10.01 -20.78 3.81
C ILE A 148 10.25 -22.17 3.22
N LYS A 149 9.16 -22.84 2.89
CA LYS A 149 9.20 -24.15 2.24
C LYS A 149 7.86 -24.41 1.56
N GLY A 150 7.79 -25.43 0.71
CA GLY A 150 6.55 -25.81 0.05
C GLY A 150 5.33 -25.93 0.97
N GLN A 151 5.50 -26.57 2.11
CA GLN A 151 4.38 -26.79 3.03
C GLN A 151 3.84 -25.53 3.65
N ASN A 152 4.66 -24.48 3.72
CA ASN A 152 4.23 -23.23 4.33
C ASN A 152 3.79 -22.19 3.31
N VAL A 153 3.70 -22.61 2.05
CA VAL A 153 3.24 -21.74 0.97
C VAL A 153 1.89 -22.25 0.50
N LEU A 154 0.84 -21.47 0.75
CA LEU A 154 -0.51 -22.01 0.57
C LEU A 154 -1.35 -21.29 -0.46
N LEU A 155 -2.40 -21.97 -0.93
CA LEU A 155 -3.22 -21.46 -2.02
C LEU A 155 -4.71 -21.43 -1.67
N THR A 156 -5.37 -20.33 -2.01
CA THR A 156 -6.81 -20.24 -1.87
C THR A 156 -7.47 -20.89 -3.08
N GLU A 157 -8.78 -21.06 -3.01
CA GLU A 157 -9.49 -21.72 -4.09
C GLU A 157 -9.44 -20.89 -5.39
N ASN A 158 -9.11 -19.61 -5.28
CA ASN A 158 -8.84 -18.79 -6.46
C ASN A 158 -7.37 -18.76 -6.87
N ALA A 159 -6.58 -19.68 -6.33
CA ALA A 159 -5.14 -19.77 -6.59
C ALA A 159 -4.38 -18.48 -6.23
N GLU A 160 -4.81 -17.84 -5.15
CA GLU A 160 -4.01 -16.79 -4.53
C GLU A 160 -3.02 -17.42 -3.56
N VAL A 161 -1.81 -16.88 -3.54
CA VAL A 161 -0.71 -17.45 -2.77
C VAL A 161 -0.58 -16.76 -1.43
N LYS A 162 -0.49 -17.55 -0.36
CA LYS A 162 -0.43 -16.99 1.00
C LYS A 162 0.63 -17.69 1.85
N LEU A 163 1.39 -16.91 2.60
CA LEU A 163 2.37 -17.46 3.52
C LEU A 163 1.73 -17.67 4.89
N VAL A 164 2.11 -18.74 5.57
CA VAL A 164 1.60 -18.98 6.91
C VAL A 164 2.71 -19.31 7.88
N ASP A 165 2.30 -19.55 9.13
CA ASP A 165 3.13 -20.09 10.20
C ASP A 165 4.32 -19.21 10.59
N PHE A 166 4.05 -18.26 11.49
CA PHE A 166 5.08 -17.36 11.97
C PHE A 166 5.72 -17.87 13.25
N GLY A 167 5.51 -19.16 13.54
CA GLY A 167 5.98 -19.76 14.76
C GLY A 167 7.48 -19.84 14.96
N VAL A 168 8.24 -19.90 13.87
CA VAL A 168 9.69 -19.92 13.95
C VAL A 168 10.25 -18.49 13.90
N SER A 169 9.43 -17.56 13.41
CA SER A 169 9.87 -16.20 13.14
C SER A 169 10.35 -15.47 14.39
N GLY A 184 15.03 -28.54 13.21
CA GLY A 184 14.53 -29.84 12.81
C GLY A 184 14.93 -30.20 11.39
N THR A 185 14.02 -29.96 10.45
CA THR A 185 14.28 -30.25 9.03
C THR A 185 15.30 -29.27 8.47
N PRO A 186 16.39 -29.81 7.91
CA PRO A 186 17.54 -29.02 7.44
C PRO A 186 17.51 -28.65 5.96
N TYR A 187 16.66 -29.30 5.16
CA TYR A 187 16.78 -29.25 3.71
C TYR A 187 16.66 -27.85 3.10
N TRP A 188 15.90 -26.97 3.75
CA TRP A 188 15.63 -25.63 3.22
C TRP A 188 16.52 -24.57 3.84
N MET A 189 17.39 -24.98 4.77
CA MET A 189 18.25 -24.07 5.53
C MET A 189 19.43 -23.52 4.75
N ALA A 190 19.60 -22.20 4.80
CA ALA A 190 20.75 -21.53 4.18
C ALA A 190 22.05 -21.84 4.93
N PRO A 191 23.17 -21.88 4.21
CA PRO A 191 24.50 -22.12 4.78
C PRO A 191 24.85 -21.30 6.04
N GLU A 192 24.42 -20.05 6.11
CA GLU A 192 24.84 -19.17 7.21
C GLU A 192 24.03 -19.45 8.47
N VAL A 193 23.00 -20.25 8.29
CA VAL A 193 22.07 -20.61 9.35
C VAL A 193 22.60 -21.84 10.08
N ILE A 194 23.45 -22.58 9.39
CA ILE A 194 24.02 -23.81 9.94
C ILE A 194 25.27 -23.53 10.76
N ALA A 195 25.15 -23.66 12.08
CA ALA A 195 26.28 -23.45 12.96
C ALA A 195 27.25 -24.63 12.86
N CYS A 196 28.43 -24.35 12.30
CA CYS A 196 29.49 -25.34 12.21
C CYS A 196 30.80 -24.72 12.68
N ASP A 197 31.91 -25.34 12.31
CA ASP A 197 33.23 -24.94 12.80
C ASP A 197 33.60 -23.54 12.34
N GLU A 198 33.36 -23.25 11.06
CA GLU A 198 33.73 -21.96 10.50
C GLU A 198 32.66 -20.88 10.73
N ASN A 199 31.47 -21.31 11.14
CA ASN A 199 30.38 -20.38 11.43
C ASN A 199 29.77 -20.69 12.79
N PRO A 200 30.42 -20.23 13.86
CA PRO A 200 30.09 -20.56 15.26
C PRO A 200 28.76 -19.98 15.72
N ASP A 201 28.52 -18.72 15.41
CA ASP A 201 27.30 -18.03 15.81
C ASP A 201 26.37 -17.87 14.61
N ALA A 202 25.89 -18.99 14.09
CA ALA A 202 24.95 -18.97 12.98
C ALA A 202 23.69 -18.24 13.39
N THR A 203 23.33 -17.23 12.61
CA THR A 203 22.10 -16.48 12.86
C THR A 203 21.34 -16.31 11.56
N TYR A 204 20.03 -16.16 11.67
CA TYR A 204 19.19 -15.88 10.53
C TYR A 204 19.30 -14.41 10.15
N ASP A 205 19.26 -14.13 8.84
CA ASP A 205 18.98 -12.78 8.39
C ASP A 205 17.96 -12.88 7.26
N PHE A 206 17.49 -11.73 6.79
CA PHE A 206 16.49 -11.68 5.71
C PHE A 206 16.89 -12.52 4.49
N LYS A 207 18.15 -12.46 4.11
CA LYS A 207 18.66 -13.17 2.93
C LYS A 207 18.48 -14.69 3.03
N SER A 208 18.43 -15.20 4.25
CA SER A 208 18.26 -16.64 4.46
C SER A 208 16.91 -17.11 3.93
N ASP A 209 15.91 -16.24 4.00
CA ASP A 209 14.60 -16.53 3.40
C ASP A 209 14.72 -16.70 1.90
N LEU A 210 15.66 -15.99 1.29
CA LEU A 210 15.79 -15.96 -0.16
C LEU A 210 16.46 -17.23 -0.66
N TRP A 211 17.41 -17.75 0.11
CA TRP A 211 17.95 -19.08 -0.14
C TRP A 211 16.82 -20.11 -0.06
N SER A 212 16.03 -20.02 0.99
CA SER A 212 14.93 -20.97 1.19
C SER A 212 13.98 -20.93 -0.01
N LEU A 213 13.72 -19.73 -0.53
CA LEU A 213 12.84 -19.59 -1.69
C LEU A 213 13.43 -20.29 -2.92
N GLY A 214 14.73 -20.17 -3.11
CA GLY A 214 15.41 -20.84 -4.20
C GLY A 214 15.28 -22.36 -4.06
N ILE A 215 15.35 -22.85 -2.83
CA ILE A 215 15.21 -24.28 -2.61
C ILE A 215 13.79 -24.72 -2.96
N THR A 216 12.76 -23.97 -2.54
CA THR A 216 11.40 -24.41 -2.82
C THR A 216 11.07 -24.28 -4.30
N ALA A 217 11.73 -23.35 -4.98
CA ALA A 217 11.63 -23.27 -6.43
C ALA A 217 12.08 -24.58 -7.06
N ILE A 218 13.24 -25.08 -6.64
CA ILE A 218 13.73 -26.39 -7.06
C ILE A 218 12.74 -27.50 -6.67
N GLU A 219 12.25 -27.42 -5.44
CA GLU A 219 11.22 -28.32 -4.93
C GLU A 219 10.01 -28.40 -5.89
N MET A 220 9.59 -27.24 -6.40
CA MET A 220 8.47 -27.17 -7.34
C MET A 220 8.83 -27.79 -8.69
N ALA A 221 10.05 -27.54 -9.14
CA ALA A 221 10.50 -28.04 -10.44
C ALA A 221 10.86 -29.53 -10.43
N GLU A 222 11.19 -30.06 -9.26
CA GLU A 222 11.69 -31.44 -9.18
C GLU A 222 11.00 -32.33 -8.15
N GLY A 223 10.04 -31.78 -7.42
CA GLY A 223 9.27 -32.57 -6.48
C GLY A 223 9.88 -32.70 -5.11
N ALA A 224 11.15 -32.36 -4.99
CA ALA A 224 11.87 -32.50 -3.73
C ALA A 224 13.04 -31.54 -3.69
N PRO A 225 13.44 -31.09 -2.48
CA PRO A 225 14.63 -30.26 -2.33
C PRO A 225 15.88 -31.07 -2.60
N PRO A 226 16.99 -30.40 -2.97
CA PRO A 226 18.27 -31.13 -3.05
C PRO A 226 18.59 -31.83 -1.74
N LEU A 227 19.42 -32.86 -1.80
CA LEU A 227 19.88 -33.58 -0.61
C LEU A 227 18.75 -34.31 0.15
N CYS A 228 17.62 -34.53 -0.52
CA CYS A 228 16.45 -35.14 0.13
C CYS A 228 16.61 -36.64 0.36
N ASP A 229 17.42 -37.29 -0.46
CA ASP A 229 17.64 -38.73 -0.31
C ASP A 229 18.60 -39.04 0.84
N MET A 230 19.21 -38.01 1.41
CA MET A 230 20.17 -38.22 2.48
C MET A 230 19.55 -37.95 3.84
N HIS A 231 20.18 -38.51 4.86
CA HIS A 231 19.74 -38.29 6.23
C HIS A 231 19.90 -36.82 6.60
N PRO A 232 18.87 -36.25 7.25
CA PRO A 232 18.83 -34.85 7.68
C PRO A 232 20.10 -34.37 8.36
N MET A 233 20.78 -35.25 9.09
CA MET A 233 22.02 -34.86 9.75
C MET A 233 23.16 -34.76 8.77
N ARG A 234 23.11 -35.51 7.67
CA ARG A 234 24.22 -35.40 6.71
C ARG A 234 23.94 -34.31 5.69
N ALA A 235 22.66 -34.05 5.43
CA ALA A 235 22.28 -32.91 4.61
C ALA A 235 22.76 -31.65 5.30
N LEU A 236 22.47 -31.58 6.60
CA LEU A 236 22.84 -30.46 7.45
C LEU A 236 24.33 -30.18 7.39
N PHE A 237 25.13 -31.25 7.33
CA PHE A 237 26.58 -31.09 7.29
C PHE A 237 27.09 -30.67 5.90
N LEU A 238 26.40 -31.15 4.87
CA LEU A 238 26.85 -30.92 3.49
C LEU A 238 26.56 -29.53 2.96
N ILE A 239 25.41 -28.97 3.31
CA ILE A 239 24.97 -27.69 2.75
C ILE A 239 26.03 -26.57 2.79
N PRO A 240 26.76 -26.40 3.91
CA PRO A 240 27.76 -25.32 3.87
C PRO A 240 28.94 -25.61 2.95
N ARG A 241 29.32 -26.87 2.83
CA ARG A 241 30.52 -27.24 2.07
C ARG A 241 30.26 -27.32 0.57
N ASN A 242 29.25 -28.10 0.18
CA ASN A 242 28.93 -28.31 -1.23
C ASN A 242 28.63 -27.03 -2.00
N PRO A 243 28.92 -27.03 -3.31
CA PRO A 243 28.58 -25.90 -4.19
C PRO A 243 27.08 -25.67 -4.26
N ALA A 244 26.66 -24.49 -4.71
CA ALA A 244 25.24 -24.16 -4.77
C ALA A 244 24.47 -25.10 -5.70
N PRO A 245 23.35 -25.65 -5.19
CA PRO A 245 22.49 -26.54 -5.96
C PRO A 245 22.00 -25.90 -7.26
N ARG A 246 21.78 -26.73 -8.28
CA ARG A 246 21.21 -26.29 -9.55
C ARG A 246 20.13 -27.26 -10.06
N LEU A 247 19.34 -26.78 -11.01
CA LEU A 247 18.41 -27.65 -11.73
C LEU A 247 19.20 -28.65 -12.57
N LYS A 248 18.88 -29.95 -12.46
CA LYS A 248 19.65 -30.95 -13.19
C LYS A 248 19.21 -31.06 -14.65
N SER A 249 17.90 -31.03 -14.89
CA SER A 249 17.41 -30.92 -16.26
C SER A 249 17.76 -29.55 -16.83
N LYS A 250 17.97 -29.48 -18.14
CA LYS A 250 18.28 -28.21 -18.77
C LYS A 250 17.16 -27.81 -19.71
N LYS A 251 16.03 -28.50 -19.58
CA LYS A 251 14.81 -28.15 -20.29
C LYS A 251 14.29 -26.79 -19.82
N TRP A 252 14.70 -26.38 -18.62
CA TRP A 252 14.30 -25.11 -18.05
C TRP A 252 14.97 -23.94 -18.77
N SER A 253 14.27 -22.82 -18.84
CA SER A 253 14.81 -21.62 -19.49
C SER A 253 16.05 -21.12 -18.79
N LYS A 254 16.81 -20.25 -19.45
CA LYS A 254 18.01 -19.71 -18.84
C LYS A 254 17.67 -18.57 -17.87
N LYS A 255 16.45 -18.04 -17.99
CA LYS A 255 15.93 -17.08 -17.02
C LYS A 255 15.62 -17.76 -15.68
N PHE A 256 15.11 -18.99 -15.75
CA PHE A 256 14.82 -19.77 -14.55
C PHE A 256 16.12 -20.23 -13.86
N GLN A 257 17.05 -20.78 -14.64
CA GLN A 257 18.30 -21.26 -14.08
C GLN A 257 19.07 -20.11 -13.46
N SER A 258 18.94 -18.93 -14.05
CA SER A 258 19.61 -17.75 -13.53
C SER A 258 18.95 -17.28 -12.25
N PHE A 259 17.64 -17.41 -12.17
CA PHE A 259 16.92 -17.06 -10.95
C PHE A 259 17.34 -17.95 -9.78
N ILE A 260 17.50 -19.24 -10.06
CA ILE A 260 17.94 -20.19 -9.03
C ILE A 260 19.35 -19.86 -8.55
N GLU A 261 20.23 -19.53 -9.49
CA GLU A 261 21.59 -19.13 -9.15
C GLU A 261 21.63 -17.85 -8.33
N SER A 262 20.63 -16.98 -8.51
CA SER A 262 20.56 -15.74 -7.74
C SER A 262 20.13 -15.99 -6.31
N CYS A 263 19.11 -16.83 -6.14
CA CYS A 263 18.64 -17.20 -4.82
C CYS A 263 19.72 -17.94 -4.05
N LEU A 264 20.41 -18.84 -4.74
CA LEU A 264 21.28 -19.78 -4.08
C LEU A 264 22.75 -19.35 -4.13
N VAL A 265 23.03 -18.10 -3.80
CA VAL A 265 24.41 -17.68 -3.62
C VAL A 265 24.79 -18.04 -2.18
N LYS A 266 25.86 -18.81 -2.02
CA LYS A 266 26.26 -19.36 -0.71
C LYS A 266 26.65 -18.30 0.30
N ASN A 267 27.56 -17.41 -0.10
CA ASN A 267 27.93 -16.24 0.70
C ASN A 267 26.75 -15.28 0.78
N HIS A 268 26.12 -15.16 1.95
CA HIS A 268 24.89 -14.38 2.06
C HIS A 268 25.12 -12.90 1.71
N SER A 269 26.30 -12.38 2.03
CA SER A 269 26.65 -10.99 1.70
C SER A 269 26.68 -10.75 0.20
N GLN A 270 26.99 -11.78 -0.58
CA GLN A 270 27.03 -11.67 -2.03
C GLN A 270 25.69 -12.02 -2.65
N ARG A 271 24.75 -12.47 -1.80
CA ARG A 271 23.42 -12.86 -2.25
C ARG A 271 22.55 -11.62 -2.43
N PRO A 272 21.81 -11.53 -3.53
CA PRO A 272 20.89 -10.41 -3.76
C PRO A 272 19.96 -10.12 -2.58
N ALA A 273 19.64 -8.84 -2.36
CA ALA A 273 18.59 -8.46 -1.43
C ALA A 273 17.23 -8.85 -2.02
N THR A 274 16.19 -8.84 -1.18
CA THR A 274 14.83 -9.19 -1.62
C THR A 274 14.40 -8.30 -2.80
N GLU A 275 14.51 -6.98 -2.59
CA GLU A 275 14.11 -6.02 -3.62
C GLU A 275 14.80 -6.19 -4.98
N GLN A 276 16.06 -6.61 -5.02
CA GLN A 276 16.69 -6.78 -6.33
C GLN A 276 16.33 -8.11 -6.93
N LEU A 277 16.09 -9.11 -6.09
CA LEU A 277 15.54 -10.38 -6.57
C LEU A 277 14.15 -10.18 -7.16
N MET A 278 13.37 -9.26 -6.59
CA MET A 278 12.07 -8.94 -7.16
C MET A 278 12.17 -8.40 -8.59
N LYS A 279 13.35 -7.87 -8.94
CA LYS A 279 13.51 -7.27 -10.26
C LYS A 279 14.20 -8.22 -11.23
N HIS A 280 14.50 -9.43 -10.78
CA HIS A 280 15.05 -10.44 -11.67
C HIS A 280 14.03 -10.71 -12.78
N PRO A 281 14.51 -10.86 -14.02
CA PRO A 281 13.71 -11.16 -15.21
C PRO A 281 12.72 -12.31 -15.03
N PHE A 282 13.13 -13.41 -14.39
CA PHE A 282 12.22 -14.54 -14.17
C PHE A 282 10.97 -14.12 -13.40
N ILE A 283 11.16 -13.19 -12.46
CA ILE A 283 10.06 -12.71 -11.64
C ILE A 283 9.22 -11.65 -12.37
N ARG A 284 9.87 -10.68 -13.00
CA ARG A 284 9.16 -9.57 -13.64
C ARG A 284 8.60 -9.89 -15.03
N ASP A 285 9.29 -10.73 -15.80
CA ASP A 285 8.86 -11.02 -17.17
C ASP A 285 7.82 -12.13 -17.19
N GLN A 286 6.61 -11.80 -16.76
CA GLN A 286 5.54 -12.79 -16.73
C GLN A 286 4.32 -12.35 -17.53
N PRO A 287 4.29 -12.75 -18.81
CA PRO A 287 3.03 -12.66 -19.55
C PRO A 287 2.14 -13.83 -19.18
N ASN A 288 0.93 -13.89 -19.74
CA ASN A 288 0.02 -14.99 -19.48
C ASN A 288 -0.27 -15.14 -17.99
N GLU A 289 -0.43 -14.01 -17.28
CA GLU A 289 -0.48 -14.04 -15.82
C GLU A 289 -1.85 -14.37 -15.24
N ARG A 290 -2.88 -13.62 -15.63
CA ARG A 290 -4.23 -13.97 -15.18
C ARG A 290 -4.63 -15.28 -15.84
N GLN A 291 -3.97 -15.58 -16.95
CA GLN A 291 -4.11 -16.89 -17.58
C GLN A 291 -3.51 -18.01 -16.71
N VAL A 292 -2.34 -17.73 -16.10
CA VAL A 292 -1.69 -18.72 -15.24
C VAL A 292 -2.56 -19.07 -14.04
N ARG A 293 -3.15 -18.05 -13.41
CA ARG A 293 -3.93 -18.29 -12.21
C ARG A 293 -5.21 -19.05 -12.54
N ILE A 294 -5.78 -18.77 -13.70
CA ILE A 294 -6.95 -19.47 -14.21
C ILE A 294 -6.68 -20.98 -14.36
N GLN A 295 -5.54 -21.32 -14.95
CA GLN A 295 -5.11 -22.72 -15.03
C GLN A 295 -4.96 -23.31 -13.63
N LEU A 296 -4.29 -22.58 -12.76
CA LEU A 296 -4.10 -23.00 -11.37
C LEU A 296 -5.45 -23.19 -10.68
N LYS A 297 -6.28 -22.17 -10.75
CA LYS A 297 -7.63 -22.21 -10.18
C LYS A 297 -8.39 -23.44 -10.68
N ASP A 298 -8.24 -23.75 -11.96
CA ASP A 298 -8.91 -24.91 -12.54
C ASP A 298 -8.28 -26.21 -12.05
N HIS A 299 -6.95 -26.21 -11.91
CA HIS A 299 -6.23 -27.40 -11.47
C HIS A 299 -6.51 -27.73 -10.01
N ILE A 300 -7.12 -26.79 -9.28
CA ILE A 300 -7.44 -27.01 -7.87
C ILE A 300 -8.51 -28.09 -7.72
N ASP A 301 -9.52 -28.04 -8.57
CA ASP A 301 -10.58 -29.04 -8.54
C ASP A 301 -10.14 -30.34 -9.21
N ILE B 7 -1.94 20.78 16.96
CA ILE B 7 -2.86 21.44 16.05
C ILE B 7 -3.27 22.82 16.57
N ASP B 8 -2.74 23.86 15.95
CA ASP B 8 -3.10 25.24 16.27
C ASP B 8 -4.17 25.76 15.32
N LEU B 9 -5.39 25.91 15.82
CA LEU B 9 -6.46 26.45 15.01
C LEU B 9 -6.16 27.90 14.62
N SER B 10 -5.31 28.53 15.42
CA SER B 10 -4.84 29.88 15.15
C SER B 10 -4.02 29.94 13.85
N ALA B 11 -3.25 28.88 13.60
CA ALA B 11 -2.41 28.84 12.41
C ALA B 11 -3.21 28.68 11.12
N LEU B 12 -4.44 28.22 11.25
CA LEU B 12 -5.30 28.04 10.07
C LEU B 12 -5.61 29.38 9.42
N ARG B 13 -5.69 29.38 8.09
CA ARG B 13 -5.83 30.63 7.32
C ARG B 13 -7.26 30.91 6.88
N ASP B 14 -7.52 32.17 6.53
CA ASP B 14 -8.80 32.58 5.97
C ASP B 14 -8.91 32.03 4.56
N PRO B 15 -10.10 31.56 4.18
CA PRO B 15 -10.26 30.93 2.87
C PRO B 15 -10.45 31.90 1.69
N ALA B 16 -10.69 33.18 1.96
CA ALA B 16 -10.89 34.14 0.87
C ALA B 16 -9.68 34.18 -0.06
N GLY B 17 -9.90 34.01 -1.35
CA GLY B 17 -8.83 33.94 -2.31
C GLY B 17 -8.35 32.52 -2.59
N ILE B 18 -8.78 31.57 -1.75
CA ILE B 18 -8.34 30.18 -1.89
C ILE B 18 -9.51 29.24 -2.23
N PHE B 19 -10.56 29.28 -1.41
CA PHE B 19 -11.78 28.54 -1.70
C PHE B 19 -13.01 29.43 -1.60
N GLU B 20 -14.00 29.18 -2.45
CA GLU B 20 -15.27 29.87 -2.36
C GLU B 20 -16.43 28.87 -2.34
N LEU B 21 -17.44 29.16 -1.55
CA LEU B 21 -18.65 28.34 -1.50
C LEU B 21 -19.52 28.60 -2.72
N VAL B 22 -20.07 27.53 -3.28
CA VAL B 22 -20.91 27.62 -4.48
C VAL B 22 -22.38 27.30 -4.20
N GLU B 23 -22.64 26.15 -3.57
CA GLU B 23 -24.01 25.77 -3.22
C GLU B 23 -24.09 24.70 -2.12
N LEU B 24 -25.09 24.84 -1.26
CA LEU B 24 -25.33 23.90 -0.18
C LEU B 24 -25.76 22.55 -0.75
N VAL B 25 -25.09 21.47 -0.35
CA VAL B 25 -25.38 20.16 -0.92
C VAL B 25 -25.87 19.18 0.15
N GLY B 26 -25.80 19.58 1.41
CA GLY B 26 -26.25 18.72 2.49
C GLY B 26 -25.81 19.13 3.88
N ASN B 27 -26.13 18.27 4.85
CA ASN B 27 -25.73 18.48 6.24
C ASN B 27 -24.83 17.35 6.72
N GLY B 28 -23.78 17.70 7.44
CA GLY B 28 -22.99 16.69 8.12
C GLY B 28 -23.31 16.77 9.60
N THR B 29 -22.60 15.97 10.39
CA THR B 29 -22.66 16.11 11.83
C THR B 29 -21.78 17.28 12.22
N TYR B 30 -22.38 18.29 12.86
CA TYR B 30 -21.73 19.52 13.36
C TYR B 30 -21.59 20.63 12.32
N GLY B 31 -22.34 20.56 11.24
CA GLY B 31 -22.30 21.66 10.29
C GLY B 31 -22.92 21.42 8.93
N GLN B 32 -22.66 22.37 8.03
CA GLN B 32 -23.19 22.32 6.67
C GLN B 32 -22.12 21.88 5.70
N VAL B 33 -22.53 21.14 4.67
CA VAL B 33 -21.60 20.70 3.65
C VAL B 33 -21.89 21.43 2.35
N TYR B 34 -20.87 22.05 1.78
CA TYR B 34 -21.01 22.85 0.56
C TYR B 34 -20.20 22.31 -0.60
N LYS B 35 -20.74 22.50 -1.80
CA LYS B 35 -19.91 22.39 -2.98
C LYS B 35 -19.07 23.65 -3.03
N GLY B 36 -17.76 23.48 -3.08
CA GLY B 36 -16.85 24.62 -3.11
C GLY B 36 -16.05 24.61 -4.39
N ARG B 37 -15.24 25.66 -4.59
CA ARG B 37 -14.42 25.77 -5.79
C ARG B 37 -13.12 26.46 -5.44
N HIS B 38 -12.01 25.86 -5.89
CA HIS B 38 -10.69 26.43 -5.67
C HIS B 38 -10.49 27.60 -6.62
N VAL B 39 -10.10 28.74 -6.06
CA VAL B 39 -10.05 30.00 -6.81
C VAL B 39 -9.02 30.02 -7.95
N LYS B 40 -7.85 29.44 -7.72
CA LYS B 40 -6.80 29.47 -8.73
C LYS B 40 -6.90 28.30 -9.71
N THR B 41 -7.52 27.21 -9.30
CA THR B 41 -7.52 26.04 -10.18
C THR B 41 -8.89 25.70 -10.75
N GLY B 42 -9.94 26.34 -10.23
CA GLY B 42 -11.29 26.04 -10.68
C GLY B 42 -11.75 24.64 -10.31
N GLN B 43 -10.99 23.99 -9.45
CA GLN B 43 -11.28 22.62 -9.07
C GLN B 43 -12.35 22.57 -7.97
N LEU B 44 -13.30 21.65 -8.11
CA LEU B 44 -14.35 21.46 -7.11
C LEU B 44 -13.80 20.84 -5.82
N ALA B 45 -14.53 21.03 -4.73
CA ALA B 45 -14.22 20.43 -3.45
C ALA B 45 -15.50 20.36 -2.63
N ALA B 46 -15.51 19.51 -1.60
CA ALA B 46 -16.59 19.58 -0.62
C ALA B 46 -16.07 20.29 0.61
N ILE B 47 -16.87 21.21 1.14
CA ILE B 47 -16.44 22.02 2.25
C ILE B 47 -17.47 21.93 3.36
N LYS B 48 -17.02 21.54 4.54
CA LYS B 48 -17.89 21.40 5.69
C LYS B 48 -17.67 22.58 6.62
N VAL B 49 -18.71 23.39 6.77
CA VAL B 49 -18.59 24.60 7.57
C VAL B 49 -19.20 24.38 8.94
N MET B 50 -18.38 24.57 9.96
CA MET B 50 -18.82 24.47 11.34
C MET B 50 -18.49 25.76 12.06
N ASP B 51 -19.31 26.16 13.03
CA ASP B 51 -19.00 27.35 13.81
C ASP B 51 -17.75 27.10 14.68
N VAL B 52 -17.12 28.14 15.20
CA VAL B 52 -16.01 27.91 16.08
C VAL B 52 -16.29 28.62 17.41
N THR B 53 -17.27 28.09 18.17
CA THR B 53 -17.55 28.61 19.50
C THR B 53 -16.52 28.04 20.47
N GLY B 54 -16.84 27.97 21.76
CA GLY B 54 -15.94 27.41 22.75
C GLY B 54 -16.23 25.99 23.24
N ASP B 55 -17.47 25.52 23.02
CA ASP B 55 -17.86 24.13 23.23
C ASP B 55 -16.81 23.21 22.54
N GLU B 56 -16.35 23.67 21.37
CA GLU B 56 -15.72 22.95 20.25
C GLU B 56 -14.22 22.69 20.19
N GLU B 57 -13.47 22.90 21.24
CA GLU B 57 -12.05 23.01 21.02
C GLU B 57 -11.45 21.72 20.48
N GLU B 58 -11.64 20.62 21.18
CA GLU B 58 -10.92 19.39 20.89
C GLU B 58 -11.57 18.53 19.81
N GLU B 59 -12.89 18.51 19.74
CA GLU B 59 -13.57 17.70 18.74
C GLU B 59 -13.33 18.23 17.32
N ILE B 60 -13.09 19.53 17.20
CA ILE B 60 -12.70 20.09 15.91
C ILE B 60 -11.27 19.64 15.57
N LYS B 61 -10.36 19.78 16.51
CA LYS B 61 -8.98 19.36 16.29
C LYS B 61 -8.91 17.86 16.08
N GLN B 62 -9.77 17.13 16.79
CA GLN B 62 -9.82 15.68 16.65
C GLN B 62 -10.27 15.29 15.25
N GLU B 63 -11.28 15.99 14.74
CA GLU B 63 -11.80 15.69 13.40
C GLU B 63 -10.77 16.01 12.32
N ILE B 64 -10.11 17.17 12.43
CA ILE B 64 -9.08 17.58 11.50
C ILE B 64 -7.96 16.55 11.48
N ASN B 65 -7.56 16.11 12.68
CA ASN B 65 -6.47 15.17 12.82
C ASN B 65 -6.78 13.83 12.14
N MET B 66 -8.05 13.43 12.16
CA MET B 66 -8.45 12.20 11.50
C MET B 66 -8.35 12.33 9.97
N LEU B 67 -8.88 13.42 9.43
CA LEU B 67 -8.85 13.62 7.99
C LEU B 67 -7.42 13.74 7.49
N LYS B 68 -6.55 14.37 8.27
CA LYS B 68 -5.15 14.54 7.87
C LYS B 68 -4.39 13.23 7.81
N LYS B 69 -4.57 12.38 8.83
CA LYS B 69 -3.79 11.15 8.90
C LYS B 69 -4.41 9.98 8.13
N TYR B 70 -5.74 9.87 8.10
CA TYR B 70 -6.35 8.63 7.61
C TYR B 70 -7.21 8.73 6.35
N SER B 71 -7.13 9.83 5.62
CA SER B 71 -7.94 9.96 4.40
C SER B 71 -7.14 9.58 3.17
N HIS B 72 -5.90 9.16 3.38
CA HIS B 72 -5.07 8.70 2.27
C HIS B 72 -5.36 7.24 1.96
N HIS B 73 -6.47 7.03 1.26
CA HIS B 73 -6.90 5.71 0.84
C HIS B 73 -8.01 5.93 -0.18
N ARG B 74 -7.99 5.18 -1.28
CA ARG B 74 -8.91 5.43 -2.38
C ARG B 74 -10.39 5.33 -2.02
N ASN B 75 -10.71 4.71 -0.89
CA ASN B 75 -12.10 4.60 -0.44
C ASN B 75 -12.43 5.59 0.66
N ILE B 76 -11.55 6.56 0.87
CA ILE B 76 -11.83 7.61 1.83
C ILE B 76 -11.59 8.97 1.21
N ALA B 77 -12.65 9.80 1.22
CA ALA B 77 -12.61 11.12 0.61
C ALA B 77 -11.43 11.89 1.16
N THR B 78 -10.48 12.18 0.29
CA THR B 78 -9.20 12.69 0.73
C THR B 78 -9.30 14.14 1.20
N TYR B 79 -8.54 14.43 2.25
CA TYR B 79 -8.46 15.74 2.87
C TYR B 79 -7.72 16.73 1.96
N TYR B 80 -8.23 17.94 1.84
CA TYR B 80 -7.55 18.98 1.05
C TYR B 80 -6.90 20.03 1.94
N GLY B 81 -7.61 20.48 2.97
CA GLY B 81 -7.08 21.49 3.87
C GLY B 81 -8.10 21.97 4.87
N ALA B 82 -7.63 22.74 5.86
CA ALA B 82 -8.51 23.33 6.87
C ALA B 82 -8.34 24.85 6.94
N PHE B 83 -9.44 25.56 7.07
CA PHE B 83 -9.45 27.02 7.06
C PHE B 83 -10.37 27.55 8.14
N ILE B 84 -10.05 28.74 8.64
CA ILE B 84 -10.90 29.40 9.60
C ILE B 84 -11.31 30.77 9.07
N LYS B 85 -12.61 30.94 8.82
CA LYS B 85 -13.12 32.23 8.42
C LYS B 85 -13.37 33.09 9.66
N LYS B 86 -12.51 34.06 9.88
CA LYS B 86 -12.64 34.96 11.02
C LYS B 86 -13.80 35.91 10.81
N ASN B 87 -14.66 36.02 11.82
CA ASN B 87 -15.84 36.86 11.75
C ASN B 87 -15.88 37.88 12.88
N PRO B 88 -16.54 39.03 12.65
CA PRO B 88 -16.73 40.09 13.65
C PRO B 88 -17.17 39.58 15.02
N PRO B 89 -16.82 40.32 16.09
CA PRO B 89 -17.22 39.98 17.47
C PRO B 89 -18.74 39.90 17.63
N GLY B 90 -19.21 39.05 18.52
CA GLY B 90 -20.63 38.82 18.69
C GLY B 90 -21.13 37.69 17.81
N MET B 91 -20.22 37.19 16.96
CA MET B 91 -20.54 36.13 16.02
C MET B 91 -19.40 35.11 15.94
N ASP B 92 -19.75 33.83 15.95
CA ASP B 92 -18.76 32.76 15.89
C ASP B 92 -17.95 32.77 14.60
N ASP B 93 -16.65 32.48 14.70
CA ASP B 93 -15.85 32.18 13.52
C ASP B 93 -16.30 30.84 12.95
N GLN B 94 -15.87 30.54 11.74
CA GLN B 94 -16.27 29.28 11.11
C GLN B 94 -15.07 28.47 10.62
N LEU B 95 -15.10 27.17 10.91
CA LEU B 95 -14.09 26.25 10.43
C LEU B 95 -14.54 25.66 9.10
N TRP B 96 -13.71 25.80 8.08
CA TRP B 96 -13.95 25.16 6.79
C TRP B 96 -13.08 23.94 6.67
N LEU B 97 -13.71 22.77 6.62
CA LEU B 97 -13.00 21.52 6.41
C LEU B 97 -13.14 21.12 4.94
N VAL B 98 -12.02 21.04 4.23
CA VAL B 98 -12.08 20.88 2.79
C VAL B 98 -11.58 19.52 2.34
N MET B 99 -12.35 18.87 1.48
CA MET B 99 -12.04 17.53 1.04
C MET B 99 -12.41 17.34 -0.42
N GLU B 100 -12.01 16.20 -0.97
CA GLU B 100 -12.39 15.77 -2.31
C GLU B 100 -13.91 15.84 -2.52
N PHE B 101 -14.33 16.31 -3.69
CA PHE B 101 -15.75 16.42 -4.01
C PHE B 101 -16.24 15.20 -4.77
N CYS B 102 -17.35 14.65 -4.33
CA CYS B 102 -17.96 13.50 -4.98
C CYS B 102 -19.23 13.96 -5.68
N GLY B 103 -19.12 14.10 -7.01
CA GLY B 103 -20.13 14.79 -7.80
C GLY B 103 -21.47 14.12 -7.96
N ALA B 104 -21.55 12.83 -7.66
CA ALA B 104 -22.79 12.07 -7.88
C ALA B 104 -23.74 12.09 -6.69
N GLY B 105 -23.22 12.38 -5.51
CA GLY B 105 -24.05 12.40 -4.31
C GLY B 105 -23.88 11.10 -3.53
N SER B 106 -24.66 10.95 -2.46
CA SER B 106 -24.52 9.80 -1.59
C SER B 106 -25.30 8.59 -2.10
N VAL B 107 -25.10 7.45 -1.43
CA VAL B 107 -25.86 6.24 -1.73
C VAL B 107 -27.35 6.45 -1.43
N THR B 108 -27.64 7.15 -0.34
CA THR B 108 -29.01 7.54 -0.02
C THR B 108 -29.66 8.28 -1.19
N ASP B 109 -28.94 9.24 -1.77
CA ASP B 109 -29.42 9.99 -2.94
C ASP B 109 -29.70 9.05 -4.12
N LEU B 110 -28.76 8.14 -4.38
CA LEU B 110 -28.89 7.18 -5.45
C LEU B 110 -30.12 6.29 -5.27
N ILE B 111 -30.40 5.90 -4.03
CA ILE B 111 -31.60 5.12 -3.74
C ILE B 111 -32.84 5.90 -4.17
N LYS B 112 -32.95 7.14 -3.67
CA LYS B 112 -34.11 7.99 -3.95
C LYS B 112 -34.32 8.25 -5.44
N ASN B 113 -33.23 8.42 -6.18
CA ASN B 113 -33.29 8.62 -7.63
C ASN B 113 -33.35 7.31 -8.39
N THR B 114 -33.68 6.23 -7.70
CA THR B 114 -33.76 4.92 -8.35
C THR B 114 -35.20 4.42 -8.34
N LYS B 115 -35.68 4.03 -9.52
CA LYS B 115 -36.99 3.45 -9.73
C LYS B 115 -37.33 2.38 -8.68
N GLY B 116 -38.30 2.69 -7.83
CA GLY B 116 -38.72 1.75 -6.80
C GLY B 116 -37.88 1.76 -5.54
N ASN B 117 -36.79 2.54 -5.55
CA ASN B 117 -35.90 2.70 -4.40
C ASN B 117 -35.22 1.39 -3.97
N THR B 118 -34.67 0.68 -4.95
CA THR B 118 -33.93 -0.55 -4.69
C THR B 118 -32.73 -0.62 -5.63
N LEU B 119 -31.59 -1.07 -5.12
CA LEU B 119 -30.40 -1.19 -5.94
C LEU B 119 -30.14 -2.62 -6.33
N LYS B 120 -29.62 -2.83 -7.54
CA LYS B 120 -29.29 -4.17 -8.00
C LYS B 120 -28.29 -4.80 -7.05
N GLU B 121 -28.45 -6.10 -6.83
CA GLU B 121 -27.59 -6.81 -5.89
C GLU B 121 -26.13 -6.69 -6.30
N GLU B 122 -25.88 -6.62 -7.61
CA GLU B 122 -24.52 -6.48 -8.10
C GLU B 122 -23.89 -5.13 -7.72
N TRP B 123 -24.71 -4.08 -7.62
CA TRP B 123 -24.20 -2.78 -7.22
C TRP B 123 -23.93 -2.80 -5.72
N ILE B 124 -24.87 -3.38 -4.99
CA ILE B 124 -24.77 -3.51 -3.54
C ILE B 124 -23.50 -4.25 -3.14
N ALA B 125 -23.14 -5.30 -3.86
CA ALA B 125 -21.91 -6.03 -3.58
C ALA B 125 -20.68 -5.17 -3.86
N TYR B 126 -20.71 -4.42 -4.95
CA TYR B 126 -19.61 -3.54 -5.31
C TYR B 126 -19.45 -2.43 -4.26
N ILE B 127 -20.54 -1.76 -3.94
CA ILE B 127 -20.50 -0.67 -2.96
C ILE B 127 -20.04 -1.18 -1.59
N CYS B 128 -20.61 -2.31 -1.16
CA CYS B 128 -20.23 -2.91 0.13
C CYS B 128 -18.75 -3.25 0.19
N ARG B 129 -18.18 -3.76 -0.90
CA ARG B 129 -16.76 -4.10 -0.88
C ARG B 129 -15.92 -2.84 -0.67
N GLU B 130 -16.31 -1.74 -1.32
CA GLU B 130 -15.54 -0.52 -1.25
C GLU B 130 -15.59 0.08 0.15
N ILE B 131 -16.79 0.13 0.74
CA ILE B 131 -16.96 0.53 2.13
C ILE B 131 -16.09 -0.32 3.06
N LEU B 132 -16.13 -1.64 2.85
CA LEU B 132 -15.35 -2.58 3.67
C LEU B 132 -13.86 -2.31 3.55
N ARG B 133 -13.38 -2.13 2.31
CA ARG B 133 -11.98 -1.77 2.12
C ARG B 133 -11.64 -0.47 2.84
N GLY B 134 -12.53 0.50 2.80
CA GLY B 134 -12.33 1.73 3.55
C GLY B 134 -12.30 1.48 5.04
N LEU B 135 -13.21 0.62 5.50
CA LEU B 135 -13.30 0.29 6.91
C LEU B 135 -12.05 -0.43 7.41
N SER B 136 -11.54 -1.32 6.56
CA SER B 136 -10.32 -2.07 6.86
C SER B 136 -9.14 -1.12 7.07
N HIS B 137 -9.09 -0.07 6.24
CA HIS B 137 -8.05 0.95 6.37
C HIS B 137 -8.16 1.67 7.71
N LEU B 138 -9.35 2.17 8.04
CA LEU B 138 -9.57 2.85 9.32
C LEU B 138 -9.25 1.95 10.52
N HIS B 139 -9.76 0.71 10.50
CA HIS B 139 -9.59 -0.23 11.60
C HIS B 139 -8.12 -0.64 11.78
N GLN B 140 -7.42 -0.83 10.67
CA GLN B 140 -5.99 -1.05 10.72
C GLN B 140 -5.29 0.05 11.52
N HIS B 141 -5.74 1.29 11.37
CA HIS B 141 -5.12 2.41 12.07
C HIS B 141 -5.82 2.75 13.38
N LYS B 142 -6.59 1.78 13.88
CA LYS B 142 -7.27 1.88 15.16
C LYS B 142 -8.26 3.04 15.20
N VAL B 143 -8.90 3.30 14.06
CA VAL B 143 -9.95 4.30 13.99
C VAL B 143 -11.31 3.64 13.80
N ILE B 144 -12.27 4.00 14.65
CA ILE B 144 -13.65 3.55 14.46
C ILE B 144 -14.49 4.67 13.87
N HIS B 145 -15.13 4.41 12.74
CA HIS B 145 -15.92 5.46 12.08
C HIS B 145 -17.11 5.91 12.91
N ARG B 146 -17.90 4.92 13.38
CA ARG B 146 -19.06 5.11 14.24
C ARG B 146 -20.28 5.77 13.59
N ASP B 147 -20.21 6.08 12.30
CA ASP B 147 -21.37 6.67 11.64
C ASP B 147 -21.55 6.19 10.22
N ILE B 148 -21.35 4.90 10.00
CA ILE B 148 -21.57 4.34 8.69
C ILE B 148 -23.07 4.32 8.39
N LYS B 149 -23.44 4.92 7.26
CA LYS B 149 -24.82 4.93 6.78
C LYS B 149 -24.79 5.39 5.33
N GLY B 150 -25.92 5.25 4.63
CA GLY B 150 -26.00 5.64 3.23
C GLY B 150 -25.59 7.09 2.96
N GLN B 151 -25.93 7.97 3.90
CA GLN B 151 -25.67 9.39 3.76
C GLN B 151 -24.18 9.75 3.79
N ASN B 152 -23.38 8.88 4.41
CA ASN B 152 -21.95 9.13 4.53
C ASN B 152 -21.14 8.28 3.57
N VAL B 153 -21.82 7.67 2.60
CA VAL B 153 -21.16 6.87 1.58
C VAL B 153 -21.38 7.51 0.22
N LEU B 154 -20.32 8.13 -0.31
CA LEU B 154 -20.46 8.99 -1.49
C LEU B 154 -19.81 8.48 -2.75
N LEU B 155 -20.41 8.88 -3.86
CA LEU B 155 -20.01 8.44 -5.19
C LEU B 155 -19.49 9.60 -6.04
N THR B 156 -18.38 9.36 -6.73
CA THR B 156 -17.88 10.32 -7.70
C THR B 156 -18.67 10.17 -9.00
N GLU B 157 -18.33 10.98 -10.01
CA GLU B 157 -18.96 10.84 -11.32
C GLU B 157 -18.48 9.58 -12.02
N ASN B 158 -17.39 9.00 -11.51
CA ASN B 158 -16.85 7.75 -12.04
C ASN B 158 -17.29 6.51 -11.25
N ALA B 159 -18.32 6.68 -10.43
CA ALA B 159 -18.82 5.63 -9.54
C ALA B 159 -17.72 5.05 -8.63
N GLU B 160 -16.81 5.91 -8.18
CA GLU B 160 -15.90 5.55 -7.11
C GLU B 160 -16.69 5.70 -5.80
N VAL B 161 -16.30 4.96 -4.76
CA VAL B 161 -17.02 4.98 -3.50
C VAL B 161 -16.14 5.52 -2.37
N LYS B 162 -16.64 6.51 -1.63
CA LYS B 162 -15.83 7.17 -0.62
C LYS B 162 -16.53 7.31 0.73
N LEU B 163 -15.81 7.03 1.82
CA LEU B 163 -16.31 7.30 3.17
C LEU B 163 -16.10 8.77 3.57
N VAL B 164 -17.10 9.38 4.21
CA VAL B 164 -16.94 10.75 4.68
C VAL B 164 -17.35 10.96 6.14
N ASP B 165 -16.99 12.13 6.65
CA ASP B 165 -17.47 12.68 7.93
C ASP B 165 -17.01 11.90 9.15
N PHE B 166 -15.87 12.32 9.70
CA PHE B 166 -15.31 11.70 10.89
C PHE B 166 -15.83 12.35 12.17
N GLY B 167 -16.90 13.14 12.05
CA GLY B 167 -17.46 13.89 13.15
C GLY B 167 -17.73 13.11 14.43
N VAL B 168 -18.20 11.88 14.29
CA VAL B 168 -18.48 11.05 15.46
C VAL B 168 -17.29 10.14 15.80
N SER B 169 -16.31 10.05 14.90
CA SER B 169 -15.28 8.99 14.98
C SER B 169 -14.40 9.02 16.21
N ALA B 170 -13.62 7.96 16.36
CA ALA B 170 -12.63 7.82 17.43
C ALA B 170 -11.40 7.08 16.93
N ILE B 183 -21.70 8.74 19.53
CA ILE B 183 -22.55 7.59 19.76
C ILE B 183 -23.15 7.08 18.43
N GLY B 184 -23.62 8.01 17.60
CA GLY B 184 -24.04 7.69 16.25
C GLY B 184 -25.49 7.99 15.87
N THR B 185 -25.93 7.42 14.76
CA THR B 185 -27.30 7.61 14.25
C THR B 185 -28.14 6.36 14.55
N PRO B 186 -29.23 6.51 15.33
CA PRO B 186 -30.06 5.46 15.95
C PRO B 186 -30.23 4.17 15.13
N TYR B 187 -30.87 4.23 13.98
CA TYR B 187 -31.23 3.03 13.23
C TYR B 187 -30.03 2.19 12.76
N TRP B 188 -28.84 2.79 12.76
CA TRP B 188 -27.65 2.14 12.24
C TRP B 188 -26.72 1.66 13.34
N MET B 189 -27.03 2.02 14.58
CA MET B 189 -26.18 1.71 15.72
C MET B 189 -26.26 0.25 16.17
N ALA B 190 -25.10 -0.37 16.38
CA ALA B 190 -25.02 -1.74 16.88
C ALA B 190 -25.64 -1.84 18.26
N PRO B 191 -26.22 -3.01 18.59
CA PRO B 191 -26.83 -3.26 19.92
C PRO B 191 -25.88 -2.95 21.07
N GLU B 192 -24.61 -3.35 20.96
CA GLU B 192 -23.66 -3.15 22.04
C GLU B 192 -23.34 -1.68 22.28
N VAL B 193 -23.46 -0.86 21.22
CA VAL B 193 -23.23 0.59 21.35
C VAL B 193 -24.37 1.25 22.12
N ILE B 194 -25.59 0.79 21.87
CA ILE B 194 -26.78 1.34 22.52
C ILE B 194 -26.76 1.17 24.04
N ALA B 195 -26.96 2.28 24.76
CA ALA B 195 -26.91 2.27 26.22
C ALA B 195 -28.10 1.51 26.81
N ASP B 205 -16.19 -0.68 19.82
CA ASP B 205 -15.28 -1.54 19.07
C ASP B 205 -15.44 -1.35 17.56
N PHE B 206 -14.44 -1.83 16.83
CA PHE B 206 -14.42 -1.82 15.36
C PHE B 206 -15.59 -2.57 14.73
N LYS B 207 -16.13 -3.54 15.45
CA LYS B 207 -17.19 -4.40 14.92
C LYS B 207 -18.52 -3.67 14.82
N SER B 208 -18.64 -2.55 15.55
CA SER B 208 -19.78 -1.65 15.44
C SER B 208 -20.04 -1.28 13.99
N ASP B 209 -18.97 -0.93 13.27
CA ASP B 209 -19.04 -0.44 11.89
C ASP B 209 -19.56 -1.51 10.93
N LEU B 210 -19.32 -2.76 11.28
CA LEU B 210 -19.72 -3.88 10.45
C LEU B 210 -21.22 -4.09 10.56
N TRP B 211 -21.75 -3.89 11.77
CA TRP B 211 -23.20 -3.86 11.96
C TRP B 211 -23.80 -2.73 11.15
N SER B 212 -23.19 -1.55 11.25
CA SER B 212 -23.68 -0.39 10.53
C SER B 212 -23.70 -0.68 9.02
N LEU B 213 -22.67 -1.34 8.54
CA LEU B 213 -22.58 -1.71 7.13
C LEU B 213 -23.75 -2.62 6.71
N GLY B 214 -24.09 -3.57 7.58
CA GLY B 214 -25.20 -4.47 7.31
C GLY B 214 -26.50 -3.71 7.18
N ILE B 215 -26.77 -2.83 8.13
CA ILE B 215 -27.94 -1.96 8.05
C ILE B 215 -27.95 -1.16 6.74
N THR B 216 -26.80 -0.60 6.39
CA THR B 216 -26.66 0.15 5.14
C THR B 216 -26.94 -0.75 3.95
N ALA B 217 -26.52 -2.01 4.03
CA ALA B 217 -26.75 -2.95 2.94
C ALA B 217 -28.25 -3.23 2.77
N ILE B 218 -28.96 -3.31 3.88
CA ILE B 218 -30.41 -3.45 3.84
C ILE B 218 -31.05 -2.15 3.35
N GLU B 219 -30.50 -1.02 3.79
CA GLU B 219 -30.95 0.29 3.32
C GLU B 219 -30.92 0.35 1.79
N MET B 220 -29.86 -0.20 1.19
CA MET B 220 -29.71 -0.20 -0.26
C MET B 220 -30.68 -1.13 -0.96
N ALA B 221 -31.06 -2.22 -0.29
CA ALA B 221 -31.88 -3.25 -0.89
C ALA B 221 -33.36 -2.93 -0.80
N GLU B 222 -33.73 -2.17 0.23
CA GLU B 222 -35.15 -1.94 0.51
C GLU B 222 -35.50 -0.46 0.57
N GLY B 223 -34.50 0.40 0.40
CA GLY B 223 -34.76 1.83 0.31
C GLY B 223 -34.77 2.52 1.66
N ALA B 224 -34.83 1.75 2.72
CA ALA B 224 -34.86 2.31 4.08
C ALA B 224 -34.19 1.35 5.05
N PRO B 225 -33.69 1.88 6.19
CA PRO B 225 -33.15 1.01 7.24
C PRO B 225 -34.28 0.42 8.08
N PRO B 226 -34.07 -0.75 8.67
CA PRO B 226 -35.08 -1.30 9.58
C PRO B 226 -35.46 -0.31 10.69
N LEU B 227 -36.73 -0.36 11.11
CA LEU B 227 -37.27 0.45 12.20
C LEU B 227 -37.30 1.96 11.92
N CYS B 228 -37.19 2.35 10.65
CA CYS B 228 -37.10 3.76 10.27
C CYS B 228 -38.36 4.56 10.56
N ASP B 229 -39.51 3.89 10.57
CA ASP B 229 -40.78 4.57 10.82
C ASP B 229 -41.04 4.77 12.31
N MET B 230 -40.07 4.39 13.13
CA MET B 230 -40.21 4.56 14.57
C MET B 230 -39.45 5.78 15.04
N HIS B 231 -39.84 6.31 16.19
CA HIS B 231 -39.12 7.42 16.80
C HIS B 231 -37.86 6.91 17.48
N PRO B 232 -36.72 7.58 17.23
CA PRO B 232 -35.40 7.30 17.80
C PRO B 232 -35.43 6.67 19.20
N MET B 233 -36.20 7.24 20.12
CA MET B 233 -36.25 6.77 21.49
C MET B 233 -36.73 5.31 21.59
N ARG B 234 -37.83 4.99 20.92
CA ARG B 234 -38.37 3.64 20.94
C ARG B 234 -37.52 2.70 20.08
N ALA B 235 -36.84 3.24 19.07
CA ALA B 235 -35.96 2.43 18.24
C ALA B 235 -34.78 1.95 19.08
N LEU B 236 -34.23 2.85 19.89
CA LEU B 236 -33.09 2.53 20.74
C LEU B 236 -33.46 1.53 21.83
N PHE B 237 -34.73 1.49 22.20
CA PHE B 237 -35.25 0.52 23.17
C PHE B 237 -35.32 -0.85 22.54
N LEU B 238 -35.64 -0.88 21.24
CA LEU B 238 -35.96 -2.08 20.52
C LEU B 238 -34.74 -2.87 20.03
N ILE B 239 -33.81 -2.18 19.36
CA ILE B 239 -32.64 -2.82 18.74
C ILE B 239 -31.89 -3.81 19.64
N PRO B 240 -31.64 -3.47 20.92
CA PRO B 240 -30.93 -4.49 21.72
C PRO B 240 -31.80 -5.71 22.05
N ARG B 241 -33.10 -5.60 21.85
CA ARG B 241 -34.00 -6.69 22.25
C ARG B 241 -34.56 -7.42 21.03
N ASN B 242 -34.56 -6.73 19.89
CA ASN B 242 -35.03 -7.31 18.65
C ASN B 242 -34.07 -8.37 18.13
N PRO B 243 -34.59 -9.43 17.48
CA PRO B 243 -33.72 -10.30 16.69
C PRO B 243 -33.03 -9.50 15.59
N ALA B 244 -31.84 -9.93 15.17
CA ALA B 244 -31.12 -9.27 14.10
C ALA B 244 -32.00 -9.12 12.86
N PRO B 245 -32.03 -7.90 12.29
CA PRO B 245 -32.76 -7.62 11.05
C PRO B 245 -32.34 -8.57 9.94
N ARG B 246 -33.29 -8.93 9.07
CA ARG B 246 -33.01 -9.75 7.90
C ARG B 246 -33.65 -9.10 6.68
N LEU B 247 -33.24 -9.51 5.48
CA LEU B 247 -33.90 -9.08 4.25
C LEU B 247 -35.33 -9.63 4.20
N LYS B 248 -36.26 -8.79 3.80
CA LYS B 248 -37.68 -9.15 3.75
C LYS B 248 -37.97 -10.10 2.60
N SER B 249 -37.61 -9.71 1.38
CA SER B 249 -37.81 -10.53 0.20
C SER B 249 -36.90 -11.75 0.20
N LYS B 250 -37.23 -12.74 -0.63
CA LYS B 250 -36.43 -13.96 -0.69
C LYS B 250 -35.89 -14.17 -2.09
N LYS B 251 -36.00 -13.14 -2.93
CA LYS B 251 -35.47 -13.20 -4.29
C LYS B 251 -34.01 -12.74 -4.35
N TRP B 252 -33.49 -12.26 -3.22
CA TRP B 252 -32.06 -11.99 -3.10
C TRP B 252 -31.31 -13.30 -3.06
N SER B 253 -30.14 -13.34 -3.71
CA SER B 253 -29.31 -14.53 -3.72
C SER B 253 -28.97 -15.00 -2.31
N LYS B 254 -28.51 -16.24 -2.20
CA LYS B 254 -28.13 -16.79 -0.91
C LYS B 254 -26.89 -16.09 -0.36
N LYS B 255 -25.95 -15.75 -1.23
CA LYS B 255 -24.73 -15.04 -0.83
C LYS B 255 -25.05 -13.75 -0.10
N PHE B 256 -25.99 -12.97 -0.64
CA PHE B 256 -26.40 -11.70 -0.05
C PHE B 256 -27.01 -11.89 1.35
N GLN B 257 -27.93 -12.85 1.46
CA GLN B 257 -28.59 -13.11 2.74
C GLN B 257 -27.57 -13.55 3.77
N SER B 258 -26.65 -14.40 3.36
CA SER B 258 -25.55 -14.83 4.22
C SER B 258 -24.74 -13.62 4.69
N PHE B 259 -24.40 -12.73 3.74
CA PHE B 259 -23.65 -11.53 4.05
C PHE B 259 -24.38 -10.64 5.03
N ILE B 260 -25.68 -10.45 4.82
CA ILE B 260 -26.49 -9.68 5.76
C ILE B 260 -26.45 -10.33 7.14
N GLU B 261 -26.52 -11.66 7.16
CA GLU B 261 -26.49 -12.40 8.42
C GLU B 261 -25.12 -12.30 9.10
N SER B 262 -24.05 -12.26 8.32
CA SER B 262 -22.70 -12.13 8.90
C SER B 262 -22.47 -10.76 9.53
N CYS B 263 -22.84 -9.70 8.82
CA CYS B 263 -22.75 -8.35 9.36
C CYS B 263 -23.59 -8.21 10.61
N LEU B 264 -24.84 -8.65 10.51
CA LEU B 264 -25.83 -8.36 11.54
C LEU B 264 -25.92 -9.52 12.52
N VAL B 265 -24.87 -9.68 13.31
CA VAL B 265 -24.83 -10.63 14.43
C VAL B 265 -24.84 -9.81 15.72
N LYS B 266 -25.82 -10.08 16.58
CA LYS B 266 -26.07 -9.25 17.77
C LYS B 266 -24.97 -9.37 18.84
N ASN B 267 -24.65 -10.60 19.22
CA ASN B 267 -23.50 -10.86 20.08
C ASN B 267 -22.25 -10.39 19.36
N HIS B 268 -21.49 -9.45 19.93
CA HIS B 268 -20.37 -8.92 19.17
C HIS B 268 -19.20 -9.90 19.20
N SER B 269 -19.10 -10.74 20.22
CA SER B 269 -18.05 -11.75 20.24
C SER B 269 -18.22 -12.72 19.08
N GLN B 270 -19.46 -12.94 18.65
CA GLN B 270 -19.74 -13.84 17.55
C GLN B 270 -19.84 -13.13 16.20
N ARG B 271 -19.82 -11.80 16.21
CA ARG B 271 -19.78 -11.07 14.95
C ARG B 271 -18.38 -11.21 14.33
N PRO B 272 -18.30 -11.55 13.04
CA PRO B 272 -17.02 -11.69 12.34
C PRO B 272 -16.23 -10.40 12.33
N ALA B 273 -14.91 -10.52 12.44
CA ALA B 273 -14.02 -9.37 12.37
C ALA B 273 -13.99 -8.80 10.96
N THR B 274 -13.46 -7.58 10.85
CA THR B 274 -13.41 -6.85 9.59
C THR B 274 -12.79 -7.66 8.48
N GLU B 275 -11.57 -8.14 8.75
CA GLU B 275 -10.79 -8.87 7.76
C GLU B 275 -11.48 -10.19 7.41
N GLN B 276 -12.17 -10.76 8.38
CA GLN B 276 -12.93 -11.98 8.18
C GLN B 276 -14.11 -11.72 7.25
N LEU B 277 -14.81 -10.61 7.51
CA LEU B 277 -15.96 -10.24 6.69
C LEU B 277 -15.56 -9.93 5.24
N MET B 278 -14.34 -9.42 5.04
CA MET B 278 -13.85 -9.12 3.69
C MET B 278 -13.65 -10.37 2.85
N LYS B 279 -13.60 -11.53 3.50
CA LYS B 279 -13.40 -12.80 2.79
C LYS B 279 -14.73 -13.44 2.40
N HIS B 280 -15.83 -12.86 2.88
CA HIS B 280 -17.16 -13.40 2.58
C HIS B 280 -17.41 -13.43 1.08
N PRO B 281 -17.91 -14.57 0.56
CA PRO B 281 -18.15 -14.81 -0.87
C PRO B 281 -18.96 -13.72 -1.55
N PHE B 282 -19.87 -13.04 -0.83
CA PHE B 282 -20.64 -11.96 -1.42
C PHE B 282 -19.71 -10.80 -1.81
N ILE B 283 -18.70 -10.57 -0.98
CA ILE B 283 -17.72 -9.53 -1.20
C ILE B 283 -16.59 -9.99 -2.13
N ARG B 284 -16.16 -11.25 -1.95
CA ARG B 284 -15.01 -11.76 -2.68
C ARG B 284 -15.33 -12.30 -4.08
N ASP B 285 -16.52 -12.89 -4.25
CA ASP B 285 -16.90 -13.52 -5.51
C ASP B 285 -17.84 -12.63 -6.34
N GLN B 286 -17.26 -11.72 -7.11
CA GLN B 286 -18.02 -10.88 -8.01
C GLN B 286 -17.07 -10.56 -9.17
N PRO B 287 -17.40 -11.07 -10.38
CA PRO B 287 -16.43 -10.90 -11.48
C PRO B 287 -16.43 -9.49 -12.05
N ASN B 288 -15.25 -8.86 -12.20
CA ASN B 288 -15.15 -7.83 -13.20
C ASN B 288 -15.84 -6.51 -12.80
N GLU B 289 -15.21 -5.89 -11.80
CA GLU B 289 -15.74 -4.76 -11.06
C GLU B 289 -16.13 -3.62 -11.98
N ARG B 290 -15.16 -3.17 -12.78
CA ARG B 290 -15.33 -1.96 -13.56
C ARG B 290 -16.53 -2.04 -14.51
N GLN B 291 -17.01 -3.25 -14.74
CA GLN B 291 -18.13 -3.46 -15.65
C GLN B 291 -19.44 -3.46 -14.85
N VAL B 292 -19.32 -3.26 -13.54
CA VAL B 292 -20.46 -2.91 -12.69
C VAL B 292 -20.34 -1.43 -12.34
N ARG B 293 -19.10 -0.98 -12.14
CA ARG B 293 -18.82 0.42 -11.88
C ARG B 293 -19.37 1.28 -13.02
N ILE B 294 -19.21 0.81 -14.25
CA ILE B 294 -19.68 1.56 -15.42
C ILE B 294 -21.23 1.49 -15.60
N GLN B 295 -21.84 0.31 -15.51
CA GLN B 295 -23.29 0.20 -15.27
C GLN B 295 -23.86 0.95 -14.06
N LEU B 296 -23.00 1.28 -13.09
CA LEU B 296 -23.46 2.09 -11.97
C LEU B 296 -23.43 3.56 -12.37
N LYS B 297 -22.33 3.97 -13.00
CA LYS B 297 -22.15 5.35 -13.45
C LYS B 297 -23.26 5.74 -14.44
N ASP B 298 -23.62 4.78 -15.27
CA ASP B 298 -24.64 4.98 -16.30
C ASP B 298 -26.00 5.29 -15.69
N HIS B 299 -26.23 4.80 -14.48
CA HIS B 299 -27.53 4.90 -13.84
C HIS B 299 -27.76 6.25 -13.17
N ILE B 300 -26.66 6.97 -12.92
CA ILE B 300 -26.75 8.27 -12.26
C ILE B 300 -27.25 9.32 -13.25
N ASP B 301 -26.85 9.15 -14.51
CA ASP B 301 -27.22 10.08 -15.57
C ASP B 301 -28.57 9.72 -16.20
N GLU C 6 20.34 6.24 14.44
CA GLU C 6 19.52 5.30 13.70
C GLU C 6 20.37 4.29 12.95
N ILE C 7 21.45 4.77 12.34
CA ILE C 7 22.23 3.98 11.40
C ILE C 7 23.74 3.97 11.70
N ASP C 8 24.33 2.78 11.75
CA ASP C 8 25.76 2.63 12.00
C ASP C 8 26.52 2.56 10.67
N LEU C 9 27.33 3.58 10.39
CA LEU C 9 28.14 3.59 9.19
C LEU C 9 29.28 2.57 9.27
N SER C 10 29.79 2.35 10.46
CA SER C 10 30.91 1.44 10.66
C SER C 10 30.50 -0.03 10.53
N ALA C 11 29.19 -0.27 10.51
CA ALA C 11 28.65 -1.63 10.38
C ALA C 11 28.53 -2.04 8.91
N LEU C 12 28.47 -1.05 8.02
CA LEU C 12 28.34 -1.32 6.59
C LEU C 12 29.57 -2.08 6.06
N ARG C 13 29.34 -2.93 5.06
CA ARG C 13 30.42 -3.75 4.49
C ARG C 13 31.12 -3.06 3.34
N ASP C 14 32.34 -3.52 3.08
CA ASP C 14 33.09 -3.13 1.90
C ASP C 14 32.40 -3.73 0.66
N PRO C 15 32.34 -2.97 -0.45
CA PRO C 15 31.59 -3.46 -1.63
C PRO C 15 32.33 -4.49 -2.49
N ALA C 16 33.59 -4.76 -2.17
CA ALA C 16 34.41 -5.68 -2.98
C ALA C 16 33.85 -7.10 -3.04
N GLY C 17 33.57 -7.58 -4.25
CA GLY C 17 33.05 -8.91 -4.42
C GLY C 17 31.53 -8.93 -4.42
N ILE C 18 30.93 -7.81 -4.04
CA ILE C 18 29.48 -7.71 -4.00
C ILE C 18 28.95 -6.85 -5.15
N PHE C 19 29.35 -5.57 -5.20
CA PHE C 19 29.07 -4.71 -6.36
C PHE C 19 30.36 -4.16 -6.99
N GLU C 20 30.31 -3.91 -8.30
CA GLU C 20 31.42 -3.28 -9.01
C GLU C 20 30.92 -2.13 -9.90
N LEU C 21 31.79 -1.17 -10.18
CA LEU C 21 31.44 -0.04 -11.05
C LEU C 21 31.72 -0.40 -12.51
N VAL C 22 30.77 -0.09 -13.39
CA VAL C 22 30.88 -0.40 -14.80
C VAL C 22 31.26 0.84 -15.60
N GLU C 23 30.55 1.93 -15.36
CA GLU C 23 30.80 3.20 -16.04
C GLU C 23 30.03 4.37 -15.43
N LEU C 24 30.59 5.57 -15.55
CA LEU C 24 29.93 6.79 -15.13
C LEU C 24 28.70 7.05 -15.98
N VAL C 25 27.64 7.52 -15.35
CA VAL C 25 26.35 7.60 -16.02
C VAL C 25 25.72 8.97 -15.81
N GLY C 26 26.04 9.61 -14.69
CA GLY C 26 25.54 10.94 -14.41
C GLY C 26 26.06 11.49 -13.10
N ASN C 27 25.54 12.66 -12.72
CA ASN C 27 25.89 13.27 -11.44
C ASN C 27 24.70 13.30 -10.51
N GLY C 28 24.97 13.05 -9.23
CA GLY C 28 23.94 13.10 -8.22
C GLY C 28 24.28 14.27 -7.31
N THR C 29 23.42 14.52 -6.34
CA THR C 29 23.68 15.56 -5.36
C THR C 29 24.73 15.06 -4.38
N TYR C 30 25.85 15.77 -4.32
CA TYR C 30 27.06 15.35 -3.62
C TYR C 30 27.43 13.91 -3.96
N GLY C 31 28.04 13.72 -5.12
CA GLY C 31 28.52 12.41 -5.50
C GLY C 31 28.25 12.07 -6.94
N GLN C 32 29.01 11.10 -7.45
CA GLN C 32 28.84 10.66 -8.83
C GLN C 32 27.95 9.42 -8.89
N VAL C 33 27.33 9.21 -10.05
CA VAL C 33 26.39 8.12 -10.25
C VAL C 33 26.89 7.19 -11.33
N TYR C 34 26.97 5.91 -11.00
CA TYR C 34 27.47 4.90 -11.91
C TYR C 34 26.44 3.84 -12.24
N LYS C 35 26.49 3.36 -13.47
CA LYS C 35 25.93 2.07 -13.79
C LYS C 35 26.82 1.03 -13.10
N GLY C 36 26.23 0.22 -12.22
CA GLY C 36 27.00 -0.75 -11.46
C GLY C 36 26.52 -2.16 -11.69
N ARG C 37 27.33 -3.14 -11.31
CA ARG C 37 26.99 -4.53 -11.55
C ARG C 37 27.12 -5.37 -10.27
N HIS C 38 26.07 -6.11 -9.96
CA HIS C 38 26.08 -7.05 -8.85
C HIS C 38 26.95 -8.26 -9.25
N VAL C 39 28.04 -8.45 -8.53
CA VAL C 39 29.13 -9.32 -8.98
C VAL C 39 28.69 -10.78 -9.21
N LYS C 40 28.03 -11.38 -8.23
CA LYS C 40 27.70 -12.80 -8.30
C LYS C 40 26.49 -13.12 -9.18
N THR C 41 25.67 -12.11 -9.50
CA THR C 41 24.48 -12.37 -10.31
C THR C 41 24.49 -11.65 -11.64
N GLY C 42 25.35 -10.63 -11.78
CA GLY C 42 25.44 -9.88 -13.02
C GLY C 42 24.33 -8.84 -13.16
N GLN C 43 23.47 -8.72 -12.16
CA GLN C 43 22.38 -7.75 -12.20
C GLN C 43 22.91 -6.31 -12.16
N LEU C 44 22.24 -5.44 -12.90
CA LEU C 44 22.62 -4.04 -12.94
C LEU C 44 22.04 -3.29 -11.74
N ALA C 45 22.76 -2.25 -11.33
CA ALA C 45 22.32 -1.37 -10.26
C ALA C 45 22.86 0.03 -10.49
N ALA C 46 22.18 1.04 -9.97
CA ALA C 46 22.71 2.40 -9.97
C ALA C 46 23.39 2.66 -8.64
N ILE C 47 24.62 3.16 -8.71
CA ILE C 47 25.41 3.38 -7.51
C ILE C 47 25.86 4.83 -7.44
N LYS C 48 25.41 5.51 -6.38
CA LYS C 48 25.88 6.85 -6.09
C LYS C 48 27.05 6.75 -5.13
N VAL C 49 28.18 7.34 -5.51
CA VAL C 49 29.40 7.23 -4.73
C VAL C 49 29.74 8.56 -4.08
N MET C 50 29.79 8.57 -2.76
CA MET C 50 29.99 9.81 -2.02
C MET C 50 31.19 9.72 -1.10
N ASP C 51 31.84 10.85 -0.85
CA ASP C 51 32.97 10.88 0.05
C ASP C 51 32.50 11.21 1.45
N VAL C 52 32.65 10.23 2.34
CA VAL C 52 32.25 10.41 3.73
C VAL C 52 33.27 11.22 4.50
N THR C 53 32.88 12.43 4.86
CA THR C 53 33.68 13.27 5.74
C THR C 53 32.98 13.38 7.08
N GLY C 54 33.33 14.40 7.86
CA GLY C 54 32.64 14.67 9.11
C GLY C 54 31.59 15.73 8.88
N ASP C 55 31.85 16.59 7.92
CA ASP C 55 30.95 17.68 7.55
C ASP C 55 29.71 17.17 6.83
N GLU C 56 29.84 16.02 6.18
CA GLU C 56 28.77 15.45 5.38
C GLU C 56 28.23 14.19 6.03
N GLU C 57 28.71 13.91 7.24
CA GLU C 57 28.46 12.62 7.89
C GLU C 57 27.01 12.39 8.35
N GLU C 58 26.47 13.33 9.11
CA GLU C 58 25.10 13.22 9.62
C GLU C 58 24.11 13.26 8.46
N GLU C 59 24.44 14.04 7.44
CA GLU C 59 23.63 14.16 6.23
C GLU C 59 23.56 12.84 5.48
N ILE C 60 24.71 12.18 5.39
CA ILE C 60 24.81 10.90 4.68
C ILE C 60 23.91 9.84 5.31
N LYS C 61 23.88 9.80 6.64
CA LYS C 61 23.04 8.86 7.36
C LYS C 61 21.55 9.06 7.08
N GLN C 62 21.14 10.31 6.86
CA GLN C 62 19.72 10.59 6.70
C GLN C 62 19.24 10.21 5.31
N GLU C 63 20.10 10.38 4.32
CA GLU C 63 19.79 9.95 2.96
C GLU C 63 19.63 8.42 2.90
N ILE C 64 20.48 7.71 3.63
CA ILE C 64 20.39 6.26 3.72
C ILE C 64 19.06 5.85 4.33
N ASN C 65 18.72 6.49 5.44
CA ASN C 65 17.49 6.18 6.15
C ASN C 65 16.27 6.44 5.27
N MET C 66 16.26 7.58 4.59
CA MET C 66 15.15 7.95 3.72
C MET C 66 14.97 6.94 2.59
N LEU C 67 16.04 6.63 1.88
CA LEU C 67 15.98 5.71 0.75
C LEU C 67 15.53 4.32 1.19
N LYS C 68 16.12 3.86 2.29
CA LYS C 68 15.76 2.55 2.82
C LYS C 68 14.30 2.50 3.26
N LYS C 69 13.83 3.56 3.90
CA LYS C 69 12.50 3.52 4.51
C LYS C 69 11.37 3.90 3.57
N TYR C 70 11.58 4.92 2.73
CA TYR C 70 10.44 5.43 1.97
C TYR C 70 10.46 5.12 0.48
N SER C 71 11.19 4.06 0.08
CA SER C 71 11.30 3.73 -1.34
C SER C 71 10.59 2.44 -1.77
N HIS C 72 9.76 1.88 -0.91
CA HIS C 72 8.92 0.76 -1.30
C HIS C 72 7.64 1.28 -1.93
N HIS C 73 7.81 1.99 -3.03
CA HIS C 73 6.69 2.49 -3.80
C HIS C 73 7.11 2.40 -5.27
N ARG C 74 6.16 2.07 -6.14
CA ARG C 74 6.48 1.79 -7.54
C ARG C 74 6.98 3.02 -8.34
N ASN C 75 6.84 4.21 -7.77
CA ASN C 75 7.31 5.43 -8.44
C ASN C 75 8.54 5.99 -7.74
N ILE C 76 9.23 5.12 -7.03
CA ILE C 76 10.51 5.47 -6.41
C ILE C 76 11.51 4.39 -6.73
N ALA C 77 12.71 4.78 -7.17
CA ALA C 77 13.75 3.79 -7.45
C ALA C 77 14.09 3.09 -6.14
N THR C 78 14.01 1.76 -6.16
CA THR C 78 14.05 1.03 -4.90
C THR C 78 15.48 0.78 -4.42
N TYR C 79 15.63 0.81 -3.10
CA TYR C 79 16.92 0.72 -2.42
C TYR C 79 17.45 -0.73 -2.34
N TYR C 80 18.75 -0.91 -2.56
CA TYR C 80 19.39 -2.23 -2.54
C TYR C 80 20.31 -2.42 -1.35
N GLY C 81 21.05 -1.37 -1.00
CA GLY C 81 22.06 -1.45 0.04
C GLY C 81 23.01 -0.27 0.12
N ALA C 82 23.76 -0.24 1.21
CA ALA C 82 24.78 0.79 1.43
C ALA C 82 26.08 0.09 1.80
N PHE C 83 27.18 0.56 1.23
CA PHE C 83 28.49 -0.07 1.43
C PHE C 83 29.54 1.02 1.63
N ILE C 84 30.59 0.72 2.39
CA ILE C 84 31.66 1.69 2.62
C ILE C 84 33.06 1.11 2.37
N LYS C 85 33.84 1.83 1.57
CA LYS C 85 35.26 1.56 1.42
C LYS C 85 36.02 2.31 2.50
N LYS C 86 36.58 1.60 3.45
CA LYS C 86 37.31 2.23 4.55
C LYS C 86 38.73 2.58 4.13
N ASN C 87 39.12 3.83 4.39
CA ASN C 87 40.45 4.32 4.06
C ASN C 87 41.15 4.67 5.38
N PRO C 88 42.49 4.91 5.34
CA PRO C 88 43.23 5.20 6.58
C PRO C 88 42.59 6.32 7.39
N PRO C 89 42.78 6.31 8.73
CA PRO C 89 42.17 7.32 9.60
C PRO C 89 42.68 8.73 9.31
N GLY C 90 41.77 9.68 9.19
CA GLY C 90 42.12 11.04 8.81
C GLY C 90 41.79 11.27 7.34
N MET C 91 41.54 10.17 6.64
CA MET C 91 41.12 10.22 5.25
C MET C 91 39.61 10.07 5.18
N ASP C 92 39.00 10.62 4.14
CA ASP C 92 37.59 10.43 3.94
C ASP C 92 37.34 9.06 3.32
N ASP C 93 36.24 8.43 3.72
CA ASP C 93 35.85 7.13 3.19
C ASP C 93 34.93 7.29 1.98
N GLN C 94 34.62 6.16 1.34
CA GLN C 94 33.71 6.16 0.20
C GLN C 94 32.44 5.41 0.52
N LEU C 95 31.30 6.10 0.44
CA LEU C 95 30.01 5.43 0.57
C LEU C 95 29.43 5.15 -0.81
N TRP C 96 29.16 3.86 -1.06
CA TRP C 96 28.40 3.44 -2.22
C TRP C 96 26.92 3.30 -1.83
N LEU C 97 26.06 4.11 -2.41
CA LEU C 97 24.62 4.00 -2.19
C LEU C 97 23.98 3.32 -3.40
N VAL C 98 23.38 2.15 -3.19
CA VAL C 98 23.01 1.28 -4.33
C VAL C 98 21.49 1.14 -4.50
N MET C 99 21.03 1.36 -5.71
CA MET C 99 19.60 1.35 -5.98
C MET C 99 19.31 0.68 -7.32
N GLU C 100 18.02 0.51 -7.60
CA GLU C 100 17.54 -0.06 -8.86
C GLU C 100 18.11 0.69 -10.07
N PHE C 101 18.50 -0.05 -11.10
CA PHE C 101 19.01 0.59 -12.30
C PHE C 101 17.88 0.82 -13.30
N CYS C 102 17.70 2.07 -13.68
CA CYS C 102 16.70 2.45 -14.66
C CYS C 102 17.36 2.61 -16.02
N GLY C 103 17.09 1.65 -16.91
CA GLY C 103 17.83 1.51 -18.15
C GLY C 103 17.52 2.45 -19.29
N ALA C 104 16.52 3.32 -19.14
CA ALA C 104 16.19 4.26 -20.22
C ALA C 104 16.82 5.65 -20.01
N GLY C 105 17.30 5.91 -18.80
CA GLY C 105 17.86 7.21 -18.50
C GLY C 105 16.83 8.15 -17.90
N SER C 106 17.15 9.44 -17.84
CA SER C 106 16.25 10.39 -17.20
C SER C 106 15.32 11.01 -18.22
N VAL C 107 14.27 11.65 -17.73
CA VAL C 107 13.32 12.37 -18.58
C VAL C 107 14.03 13.50 -19.36
N THR C 108 15.03 14.12 -18.73
CA THR C 108 15.85 15.13 -19.39
C THR C 108 16.59 14.52 -20.58
N ASP C 109 17.05 13.28 -20.43
CA ASP C 109 17.70 12.57 -21.53
C ASP C 109 16.69 12.23 -22.62
N LEU C 110 15.46 11.91 -22.22
CA LEU C 110 14.39 11.61 -23.14
C LEU C 110 14.04 12.81 -24.02
N ILE C 111 14.00 13.99 -23.41
CA ILE C 111 13.76 15.23 -24.14
C ILE C 111 14.83 15.47 -25.23
N LYS C 112 16.10 15.30 -24.87
CA LYS C 112 17.20 15.55 -25.80
C LYS C 112 17.24 14.60 -27.00
N ASN C 113 16.86 13.34 -26.78
CA ASN C 113 16.84 12.36 -27.86
C ASN C 113 15.50 12.33 -28.59
N THR C 114 14.73 13.40 -28.41
CA THR C 114 13.43 13.51 -29.05
C THR C 114 13.44 14.65 -30.06
N LYS C 115 13.11 14.35 -31.31
CA LYS C 115 13.09 15.35 -32.37
C LYS C 115 12.16 16.51 -32.00
N GLY C 116 12.73 17.72 -32.00
CA GLY C 116 11.99 18.90 -31.59
C GLY C 116 12.24 19.27 -30.14
N ASN C 117 12.78 18.32 -29.38
CA ASN C 117 12.97 18.49 -27.94
C ASN C 117 11.67 18.80 -27.22
N THR C 118 10.59 18.16 -27.66
CA THR C 118 9.28 18.29 -27.03
C THR C 118 8.60 16.92 -26.95
N LEU C 119 8.00 16.63 -25.80
CA LEU C 119 7.26 15.38 -25.64
C LEU C 119 5.79 15.63 -25.93
N LYS C 120 5.14 14.64 -26.55
CA LYS C 120 3.70 14.73 -26.75
C LYS C 120 3.01 14.97 -25.43
N GLU C 121 1.89 15.69 -25.45
CA GLU C 121 1.15 16.02 -24.25
C GLU C 121 0.70 14.81 -23.41
N GLU C 122 0.39 13.69 -24.08
CA GLU C 122 -0.12 12.52 -23.38
C GLU C 122 1.00 11.76 -22.66
N TRP C 123 2.19 11.75 -23.23
CA TRP C 123 3.36 11.24 -22.53
C TRP C 123 3.61 12.11 -21.31
N ILE C 124 3.36 13.41 -21.46
CA ILE C 124 3.59 14.37 -20.39
C ILE C 124 2.62 14.17 -19.23
N ALA C 125 1.34 13.95 -19.54
CA ALA C 125 0.33 13.66 -18.52
C ALA C 125 0.62 12.33 -17.81
N TYR C 126 1.11 11.36 -18.55
CA TYR C 126 1.45 10.07 -17.97
C TYR C 126 2.61 10.22 -16.97
N ILE C 127 3.67 10.91 -17.37
CA ILE C 127 4.85 11.09 -16.51
C ILE C 127 4.49 11.95 -15.29
N CYS C 128 3.71 13.00 -15.53
CA CYS C 128 3.29 13.90 -14.46
C CYS C 128 2.48 13.17 -13.38
N ARG C 129 1.55 12.32 -13.78
CA ARG C 129 0.78 11.55 -12.82
C ARG C 129 1.71 10.67 -11.96
N GLU C 130 2.64 9.99 -12.61
CA GLU C 130 3.57 9.10 -11.92
C GLU C 130 4.43 9.86 -10.91
N ILE C 131 4.93 11.03 -11.31
CA ILE C 131 5.69 11.89 -10.40
C ILE C 131 4.84 12.28 -9.20
N LEU C 132 3.64 12.74 -9.47
CA LEU C 132 2.70 13.16 -8.43
C LEU C 132 2.38 12.05 -7.42
N ARG C 133 2.15 10.84 -7.92
CA ARG C 133 1.90 9.71 -7.03
C ARG C 133 3.14 9.41 -6.18
N GLY C 134 4.32 9.58 -6.78
CA GLY C 134 5.56 9.39 -6.06
C GLY C 134 5.70 10.45 -4.99
N LEU C 135 5.36 11.70 -5.36
CA LEU C 135 5.38 12.81 -4.42
C LEU C 135 4.37 12.63 -3.27
N SER C 136 3.16 12.17 -3.58
CA SER C 136 2.15 11.95 -2.55
C SER C 136 2.58 10.88 -1.56
N HIS C 137 3.27 9.86 -2.05
CA HIS C 137 3.84 8.86 -1.16
C HIS C 137 4.81 9.51 -0.20
N LEU C 138 5.75 10.28 -0.75
CA LEU C 138 6.74 10.98 0.05
C LEU C 138 6.08 11.99 1.00
N HIS C 139 5.11 12.74 0.50
CA HIS C 139 4.48 13.77 1.32
C HIS C 139 3.65 13.16 2.45
N GLN C 140 3.01 12.01 2.18
CA GLN C 140 2.24 11.32 3.20
C GLN C 140 3.12 10.91 4.39
N HIS C 141 4.40 10.69 4.13
CA HIS C 141 5.36 10.38 5.19
C HIS C 141 6.21 11.58 5.56
N LYS C 142 5.71 12.77 5.25
CA LYS C 142 6.34 14.03 5.67
C LYS C 142 7.76 14.19 5.12
N VAL C 143 7.95 13.75 3.88
CA VAL C 143 9.22 13.94 3.20
C VAL C 143 9.06 14.93 2.04
N ILE C 144 9.86 15.98 2.06
CA ILE C 144 9.94 16.90 0.93
C ILE C 144 11.14 16.53 0.08
N HIS C 145 10.91 16.20 -1.18
CA HIS C 145 12.02 15.82 -2.04
C HIS C 145 12.98 16.99 -2.28
N ARG C 146 12.44 18.19 -2.50
CA ARG C 146 13.21 19.44 -2.63
C ARG C 146 14.08 19.57 -3.89
N ASP C 147 14.17 18.52 -4.70
CA ASP C 147 14.94 18.64 -5.93
C ASP C 147 14.23 17.98 -7.10
N ILE C 148 12.93 18.24 -7.23
CA ILE C 148 12.18 17.70 -8.35
C ILE C 148 12.58 18.39 -9.65
N LYS C 149 13.09 17.62 -10.59
CA LYS C 149 13.41 18.14 -11.92
C LYS C 149 13.58 16.98 -12.89
N GLY C 150 13.81 17.31 -14.17
CA GLY C 150 13.96 16.29 -15.20
C GLY C 150 15.08 15.28 -14.96
N GLN C 151 16.18 15.74 -14.37
CA GLN C 151 17.32 14.87 -14.15
C GLN C 151 17.10 13.83 -13.06
N ASN C 152 16.13 14.08 -12.19
CA ASN C 152 15.87 13.19 -11.06
C ASN C 152 14.63 12.33 -11.26
N VAL C 153 14.05 12.39 -12.45
CA VAL C 153 12.92 11.54 -12.82
C VAL C 153 13.39 10.51 -13.85
N LEU C 154 13.42 9.23 -13.46
CA LEU C 154 14.00 8.20 -14.33
C LEU C 154 13.03 7.22 -14.95
N LEU C 155 13.44 6.66 -16.07
CA LEU C 155 12.60 5.73 -16.82
C LEU C 155 13.29 4.38 -16.92
N THR C 156 12.54 3.32 -16.64
CA THR C 156 13.03 1.97 -16.79
C THR C 156 12.88 1.59 -18.26
N GLU C 157 13.37 0.42 -18.64
CA GLU C 157 13.29 -0.01 -20.03
C GLU C 157 11.84 -0.27 -20.44
N ASN C 158 10.97 -0.48 -19.46
CA ASN C 158 9.52 -0.63 -19.71
C ASN C 158 8.77 0.68 -19.54
N ALA C 159 9.50 1.79 -19.59
CA ALA C 159 8.90 3.13 -19.50
C ALA C 159 8.13 3.36 -18.21
N GLU C 160 8.60 2.75 -17.11
CA GLU C 160 8.06 3.04 -15.78
C GLU C 160 8.79 4.26 -15.24
N VAL C 161 8.13 5.00 -14.35
CA VAL C 161 8.66 6.27 -13.87
C VAL C 161 9.08 6.23 -12.40
N LYS C 162 10.32 6.62 -12.14
CA LYS C 162 10.87 6.50 -10.79
C LYS C 162 11.72 7.70 -10.35
N LEU C 163 11.36 8.29 -9.20
CA LEU C 163 12.11 9.39 -8.59
C LEU C 163 13.40 8.91 -7.93
N VAL C 164 14.45 9.72 -7.99
CA VAL C 164 15.69 9.39 -7.29
C VAL C 164 16.27 10.56 -6.50
N ASP C 165 17.39 10.25 -5.83
CA ASP C 165 18.25 11.20 -5.15
C ASP C 165 17.59 11.94 -4.00
N PHE C 166 17.73 11.36 -2.80
CA PHE C 166 17.24 11.97 -1.58
C PHE C 166 18.30 12.88 -0.98
N GLY C 167 19.30 13.22 -1.77
CA GLY C 167 20.42 14.02 -1.29
C GLY C 167 20.08 15.37 -0.67
N VAL C 168 19.07 16.05 -1.19
CA VAL C 168 18.71 17.37 -0.68
C VAL C 168 17.38 17.34 0.07
N SER C 169 16.85 16.14 0.32
CA SER C 169 15.52 16.00 0.91
C SER C 169 15.44 16.45 2.37
N ALA C 170 14.21 16.58 2.86
CA ALA C 170 13.96 16.97 4.24
C ALA C 170 12.80 16.21 4.86
N GLN C 171 12.83 16.09 6.19
CA GLN C 171 11.77 15.41 6.93
C GLN C 171 11.25 16.27 8.09
N GLY C 184 22.62 27.43 -5.98
CA GLY C 184 22.98 27.21 -7.36
C GLY C 184 21.93 26.43 -8.12
N THR C 185 21.81 26.69 -9.42
CA THR C 185 20.81 26.08 -10.30
C THR C 185 19.39 26.20 -9.72
N PRO C 186 18.83 27.41 -9.79
CA PRO C 186 17.59 27.78 -9.13
C PRO C 186 16.34 27.62 -9.99
N TYR C 187 16.50 27.10 -11.20
CA TYR C 187 15.43 27.20 -12.19
C TYR C 187 14.16 26.44 -11.82
N TRP C 188 14.28 25.44 -10.94
CA TRP C 188 13.12 24.65 -10.55
C TRP C 188 12.62 25.07 -9.19
N MET C 189 13.26 26.06 -8.58
CA MET C 189 12.97 26.38 -7.21
C MET C 189 11.74 27.28 -7.08
N ALA C 190 10.92 26.99 -6.08
CA ALA C 190 9.70 27.73 -5.79
C ALA C 190 10.02 29.09 -5.23
N PRO C 191 9.15 30.09 -5.48
CA PRO C 191 9.36 31.45 -4.99
C PRO C 191 9.46 31.54 -3.48
N GLU C 192 8.67 30.75 -2.77
CA GLU C 192 8.63 30.85 -1.31
C GLU C 192 9.91 30.26 -0.71
N VAL C 193 10.63 29.52 -1.54
CA VAL C 193 11.91 28.94 -1.15
C VAL C 193 13.05 29.94 -1.39
N ILE C 194 12.90 30.75 -2.43
CA ILE C 194 13.89 31.75 -2.74
C ILE C 194 13.79 32.91 -1.77
N ALA C 195 14.81 33.02 -0.94
CA ALA C 195 14.88 34.03 0.10
C ALA C 195 15.01 35.44 -0.50
N CYS C 196 13.94 36.23 -0.34
CA CYS C 196 13.82 37.55 -0.95
C CYS C 196 14.05 37.51 -2.46
N ASP C 201 11.93 33.49 7.48
CA ASP C 201 12.54 33.60 6.16
C ASP C 201 12.11 32.40 5.30
N ALA C 202 12.79 32.20 4.17
CA ALA C 202 12.36 31.22 3.17
C ALA C 202 12.79 29.78 3.47
N THR C 203 11.79 28.89 3.57
CA THR C 203 12.00 27.46 3.79
C THR C 203 11.04 26.63 2.94
N TYR C 204 11.35 25.35 2.75
CA TYR C 204 10.53 24.50 1.89
C TYR C 204 9.23 24.04 2.53
N ASP C 205 8.22 23.83 1.69
CA ASP C 205 6.95 23.22 2.08
C ASP C 205 6.66 22.09 1.10
N PHE C 206 5.70 21.22 1.41
CA PHE C 206 5.33 20.16 0.48
C PHE C 206 4.92 20.71 -0.89
N LYS C 207 4.23 21.85 -0.89
CA LYS C 207 3.81 22.49 -2.13
C LYS C 207 4.99 22.98 -2.99
N SER C 208 6.14 23.19 -2.37
CA SER C 208 7.35 23.54 -3.13
C SER C 208 7.68 22.49 -4.19
N ASP C 209 7.52 21.21 -3.82
CA ASP C 209 7.72 20.14 -4.78
C ASP C 209 6.72 20.25 -5.95
N LEU C 210 5.53 20.76 -5.68
CA LEU C 210 4.48 20.89 -6.71
C LEU C 210 4.82 21.99 -7.70
N TRP C 211 5.40 23.08 -7.20
CA TRP C 211 5.92 24.12 -8.09
C TRP C 211 6.96 23.48 -9.00
N SER C 212 7.93 22.80 -8.39
CA SER C 212 9.00 22.17 -9.15
C SER C 212 8.44 21.25 -10.24
N LEU C 213 7.33 20.57 -9.95
CA LEU C 213 6.71 19.65 -10.90
C LEU C 213 6.19 20.38 -12.14
N GLY C 214 5.55 21.53 -11.92
CA GLY C 214 5.06 22.35 -13.02
C GLY C 214 6.19 22.89 -13.89
N ILE C 215 7.34 23.16 -13.26
CA ILE C 215 8.49 23.58 -14.05
C ILE C 215 8.99 22.42 -14.90
N THR C 216 9.02 21.21 -14.34
CA THR C 216 9.48 20.05 -15.10
C THR C 216 8.50 19.72 -16.22
N ALA C 217 7.21 19.98 -15.99
CA ALA C 217 6.23 19.76 -17.04
C ALA C 217 6.51 20.74 -18.18
N ILE C 218 6.86 21.98 -17.85
CA ILE C 218 7.23 22.96 -18.88
C ILE C 218 8.54 22.53 -19.56
N GLU C 219 9.50 22.09 -18.77
CA GLU C 219 10.73 21.51 -19.31
C GLU C 219 10.44 20.39 -20.32
N MET C 220 9.46 19.54 -20.02
CA MET C 220 9.07 18.47 -20.93
C MET C 220 8.36 18.99 -22.17
N ALA C 221 7.56 20.03 -21.98
CA ALA C 221 6.79 20.59 -23.08
C ALA C 221 7.67 21.40 -24.05
N GLU C 222 8.59 22.19 -23.52
CA GLU C 222 9.34 23.16 -24.32
C GLU C 222 10.84 22.87 -24.45
N GLY C 223 11.30 21.82 -23.78
CA GLY C 223 12.69 21.42 -23.90
C GLY C 223 13.58 21.95 -22.80
N ALA C 224 13.09 22.96 -22.08
CA ALA C 224 13.89 23.59 -21.04
C ALA C 224 13.01 24.35 -20.06
N PRO C 225 13.47 24.49 -18.81
CA PRO C 225 12.76 25.31 -17.81
C PRO C 225 12.69 26.76 -18.23
N PRO C 226 11.74 27.54 -17.66
CA PRO C 226 11.72 28.98 -17.90
C PRO C 226 13.00 29.61 -17.37
N LEU C 227 13.40 30.74 -17.98
CA LEU C 227 14.55 31.53 -17.54
C LEU C 227 15.88 30.80 -17.73
N CYS C 228 15.86 29.73 -18.54
CA CYS C 228 17.06 28.91 -18.76
C CYS C 228 18.16 29.69 -19.48
N ASP C 229 17.75 30.55 -20.40
CA ASP C 229 18.70 31.38 -21.12
C ASP C 229 19.04 32.62 -20.32
N MET C 230 19.31 32.43 -19.03
CA MET C 230 19.67 33.53 -18.14
C MET C 230 20.75 33.12 -17.17
N HIS C 231 21.56 34.09 -16.79
CA HIS C 231 22.50 33.97 -15.68
C HIS C 231 21.76 33.37 -14.47
N PRO C 232 22.25 32.21 -13.96
CA PRO C 232 21.64 31.52 -12.81
C PRO C 232 21.34 32.45 -11.66
N MET C 233 22.24 33.41 -11.43
CA MET C 233 22.05 34.38 -10.38
C MET C 233 20.89 35.31 -10.73
N ARG C 234 20.73 35.59 -12.02
CA ARG C 234 19.65 36.47 -12.46
C ARG C 234 18.28 35.79 -12.32
N ALA C 235 18.18 34.55 -12.79
CA ALA C 235 16.97 33.74 -12.66
C ALA C 235 16.50 33.67 -11.21
N LEU C 236 17.47 33.57 -10.31
CA LEU C 236 17.20 33.60 -8.88
C LEU C 236 16.49 34.89 -8.44
N PHE C 237 16.87 36.01 -9.05
CA PHE C 237 16.23 37.30 -8.80
C PHE C 237 14.81 37.36 -9.39
N LEU C 238 14.65 36.78 -10.59
CA LEU C 238 13.40 36.86 -11.35
C LEU C 238 12.24 35.98 -10.85
N ILE C 239 12.57 34.81 -10.31
CA ILE C 239 11.52 33.84 -9.97
C ILE C 239 10.52 34.40 -8.94
N PRO C 240 10.99 35.05 -7.86
CA PRO C 240 9.97 35.62 -6.95
C PRO C 240 9.28 36.85 -7.54
N ARG C 241 9.91 37.48 -8.53
CA ARG C 241 9.43 38.78 -8.99
C ARG C 241 8.45 38.67 -10.15
N ASN C 242 8.86 38.02 -11.23
CA ASN C 242 8.02 37.89 -12.40
C ASN C 242 6.72 37.14 -12.15
N PRO C 243 5.73 37.37 -13.02
CA PRO C 243 4.53 36.53 -12.96
C PRO C 243 4.87 35.07 -13.22
N ALA C 244 4.00 34.17 -12.77
CA ALA C 244 4.22 32.75 -12.95
C ALA C 244 4.38 32.40 -14.42
N PRO C 245 5.39 31.58 -14.73
CA PRO C 245 5.57 31.11 -16.11
C PRO C 245 4.32 30.41 -16.64
N ARG C 246 4.09 30.51 -17.94
CA ARG C 246 3.02 29.77 -18.58
C ARG C 246 3.59 29.15 -19.85
N LEU C 247 2.83 28.27 -20.47
CA LEU C 247 3.24 27.66 -21.73
C LEU C 247 3.29 28.72 -22.84
N LYS C 248 4.36 28.70 -23.63
CA LYS C 248 4.50 29.64 -24.74
C LYS C 248 3.37 29.50 -25.76
N SER C 249 3.26 28.32 -26.35
CA SER C 249 2.24 28.05 -27.35
C SER C 249 0.92 27.76 -26.65
N LYS C 250 -0.18 27.88 -27.38
CA LYS C 250 -1.49 27.56 -26.82
C LYS C 250 -2.21 26.51 -27.65
N LYS C 251 -1.44 25.76 -28.45
CA LYS C 251 -1.94 24.55 -29.10
C LYS C 251 -2.05 23.41 -28.08
N TRP C 252 -1.37 23.57 -26.96
CA TRP C 252 -1.54 22.63 -25.84
C TRP C 252 -2.98 22.68 -25.39
N SER C 253 -3.55 21.54 -25.02
CA SER C 253 -4.93 21.51 -24.57
C SER C 253 -5.17 22.40 -23.36
N LYS C 254 -6.44 22.73 -23.11
CA LYS C 254 -6.81 23.59 -22.00
C LYS C 254 -6.52 22.94 -20.65
N LYS C 255 -6.55 21.60 -20.63
CA LYS C 255 -6.24 20.83 -19.43
C LYS C 255 -4.78 21.03 -19.00
N PHE C 256 -3.87 20.84 -19.95
CA PHE C 256 -2.44 21.01 -19.72
C PHE C 256 -2.15 22.44 -19.24
N GLN C 257 -2.69 23.43 -19.95
CA GLN C 257 -2.55 24.81 -19.52
C GLN C 257 -3.07 25.02 -18.09
N SER C 258 -4.28 24.54 -17.82
CA SER C 258 -4.85 24.62 -16.48
C SER C 258 -3.98 23.91 -15.45
N PHE C 259 -3.38 22.79 -15.86
CA PHE C 259 -2.47 22.07 -15.00
C PHE C 259 -1.23 22.93 -14.67
N ILE C 260 -0.63 23.51 -15.70
CA ILE C 260 0.52 24.40 -15.50
C ILE C 260 0.17 25.54 -14.55
N GLU C 261 -0.97 26.18 -14.81
CA GLU C 261 -1.48 27.24 -13.95
C GLU C 261 -1.72 26.78 -12.51
N SER C 262 -2.12 25.52 -12.33
CA SER C 262 -2.36 24.98 -10.99
C SER C 262 -1.06 24.78 -10.21
N CYS C 263 -0.04 24.19 -10.85
CA CYS C 263 1.27 24.02 -10.20
C CYS C 263 1.97 25.34 -9.92
N LEU C 264 1.87 26.26 -10.88
CA LEU C 264 2.66 27.49 -10.87
C LEU C 264 1.84 28.66 -10.34
N VAL C 265 1.48 28.54 -9.07
CA VAL C 265 0.86 29.61 -8.31
C VAL C 265 1.94 30.09 -7.34
N LYS C 266 2.24 31.38 -7.36
CA LYS C 266 3.37 31.90 -6.59
C LYS C 266 3.09 31.88 -5.10
N ASN C 267 1.91 32.38 -4.74
CA ASN C 267 1.45 32.35 -3.36
C ASN C 267 1.14 30.90 -2.99
N HIS C 268 1.93 30.33 -2.09
CA HIS C 268 1.84 28.89 -1.89
C HIS C 268 0.58 28.51 -1.11
N SER C 269 0.05 29.45 -0.32
CA SER C 269 -1.22 29.20 0.39
C SER C 269 -2.37 29.09 -0.61
N GLN C 270 -2.19 29.64 -1.80
CA GLN C 270 -3.20 29.54 -2.84
C GLN C 270 -2.87 28.41 -3.80
N ARG C 271 -1.67 27.85 -3.67
CA ARG C 271 -1.31 26.70 -4.48
C ARG C 271 -2.07 25.48 -3.95
N PRO C 272 -2.57 24.64 -4.88
CA PRO C 272 -3.23 23.39 -4.47
C PRO C 272 -2.29 22.48 -3.71
N ALA C 273 -2.81 21.79 -2.71
CA ALA C 273 -2.07 20.74 -2.03
C ALA C 273 -1.87 19.55 -2.96
N THR C 274 -0.99 18.64 -2.55
CA THR C 274 -0.61 17.48 -3.36
C THR C 274 -1.81 16.62 -3.76
N GLU C 275 -2.68 16.31 -2.80
CA GLU C 275 -3.79 15.42 -3.07
C GLU C 275 -4.81 16.06 -4.00
N GLN C 276 -5.02 17.36 -3.83
CA GLN C 276 -5.94 18.10 -4.69
C GLN C 276 -5.45 18.10 -6.13
N LEU C 277 -4.15 18.26 -6.31
CA LEU C 277 -3.54 18.29 -7.64
C LEU C 277 -3.58 16.92 -8.31
N MET C 278 -3.49 15.86 -7.49
CA MET C 278 -3.64 14.48 -7.98
C MET C 278 -4.94 14.30 -8.77
N LYS C 279 -5.97 15.05 -8.36
CA LYS C 279 -7.30 14.91 -8.96
C LYS C 279 -7.54 15.88 -10.12
N HIS C 280 -6.53 16.65 -10.50
CA HIS C 280 -6.69 17.61 -11.59
C HIS C 280 -7.01 16.87 -12.89
N PRO C 281 -7.94 17.41 -13.68
CA PRO C 281 -8.39 16.81 -14.94
C PRO C 281 -7.25 16.30 -15.84
N PHE C 282 -6.15 17.04 -15.90
CA PHE C 282 -5.03 16.66 -16.74
C PHE C 282 -4.39 15.35 -16.25
N ILE C 283 -4.36 15.18 -14.93
CA ILE C 283 -3.87 13.96 -14.31
C ILE C 283 -4.90 12.82 -14.33
N ARG C 284 -6.17 13.12 -14.05
CA ARG C 284 -7.19 12.06 -13.91
C ARG C 284 -7.78 11.57 -15.24
N ASP C 285 -8.01 12.47 -16.19
CA ASP C 285 -8.61 12.09 -17.47
C ASP C 285 -7.56 11.58 -18.44
N GLN C 286 -7.19 10.32 -18.32
CA GLN C 286 -6.14 9.79 -19.20
C GLN C 286 -6.53 8.46 -19.84
N PRO C 287 -6.08 8.26 -21.09
CA PRO C 287 -6.09 6.90 -21.64
C PRO C 287 -5.24 6.06 -20.70
N ASN C 288 -5.67 4.83 -20.37
CA ASN C 288 -5.00 4.06 -19.32
C ASN C 288 -3.49 4.00 -19.50
N GLU C 289 -2.80 3.84 -18.38
CA GLU C 289 -1.34 3.97 -18.31
C GLU C 289 -0.59 3.08 -19.30
N ARG C 290 -1.04 1.84 -19.46
CA ARG C 290 -0.31 0.87 -20.28
C ARG C 290 -0.31 1.20 -21.77
N GLN C 291 -1.42 1.71 -22.28
CA GLN C 291 -1.53 2.01 -23.70
C GLN C 291 -0.59 3.15 -24.09
N VAL C 292 -0.45 4.12 -23.18
CA VAL C 292 0.46 5.24 -23.39
C VAL C 292 1.90 4.79 -23.13
N ARG C 293 2.08 3.91 -22.15
CA ARG C 293 3.38 3.37 -21.77
C ARG C 293 4.11 2.68 -22.90
N ILE C 294 3.40 1.75 -23.53
CA ILE C 294 3.97 0.94 -24.59
C ILE C 294 4.41 1.84 -25.72
N GLN C 295 3.58 2.84 -26.01
CA GLN C 295 3.93 3.87 -26.97
C GLN C 295 5.18 4.60 -26.52
N LEU C 296 5.22 4.95 -25.24
CA LEU C 296 6.38 5.62 -24.64
C LEU C 296 7.59 4.69 -24.60
N LYS C 297 7.35 3.41 -24.33
CA LYS C 297 8.45 2.45 -24.30
C LYS C 297 9.08 2.32 -25.68
N ASP C 298 8.27 2.34 -26.73
CA ASP C 298 8.78 2.13 -28.07
C ASP C 298 9.49 3.37 -28.60
N HIS C 299 9.12 4.55 -28.09
CA HIS C 299 9.85 5.77 -28.38
C HIS C 299 11.24 5.66 -27.77
N ILE C 300 11.30 5.11 -26.57
CA ILE C 300 12.57 4.87 -25.88
C ILE C 300 13.45 3.93 -26.67
N ASP C 301 12.89 2.80 -27.08
CA ASP C 301 13.67 1.78 -27.78
C ASP C 301 14.14 2.26 -29.16
N ARG C 302 13.49 3.28 -29.69
CA ARG C 302 13.95 3.89 -30.93
C ARG C 302 14.79 5.13 -30.63
N THR C 303 15.16 5.27 -29.36
CA THR C 303 15.96 6.39 -28.83
C THR C 303 15.52 7.74 -29.39
C14 4KT D . -4.01 -26.75 4.32
C16 4KT D . -3.73 -28.07 3.91
C17 4KT D . -4.71 -28.89 3.31
C22 4KT D . -4.36 -32.82 3.24
C21 4KT D . -3.96 -32.04 1.16
C20 4KT D . -4.87 -31.39 3.68
C19 4KT D . -6.01 -28.32 3.15
C18 4KT D . -6.26 -27.01 3.58
C3 4KT D . 0.57 -23.89 9.48
C2 4KT D . -1.37 -22.68 8.90
C4 4KT D . -1.72 -23.50 7.81
C5 4KT D . 0.29 -24.75 8.39
C11 4KT D . -4.48 -21.58 5.99
C9 4KT D . -4.80 -23.83 5.39
C8 4KT D . -2.94 -23.19 6.95
C24 4KT D . -8.24 -28.40 2.16
C6 4KT D . -0.82 -24.60 7.54
C1 4KT D . -0.26 -22.80 9.78
C7 4KT D . -3.67 -24.16 6.23
N1 4KT D . -5.19 -22.51 5.30
C10 4KT D . -3.39 -21.88 6.80
C12 4KT D . -0.04 -21.86 10.90
O1 4KT D . -1.02 -25.51 6.48
C13 4KT D . -0.16 -26.63 6.25
C15 4KT D . -5.29 -26.17 4.17
O2 4KT D . -7.04 -29.08 2.56
N2 4KT D . -4.42 -30.23 2.90
O3 4KT D . -3.35 -32.71 2.26
C23 4KT D . -4.36 -30.56 1.48
N3 4KT D . -5.57 -24.78 4.62
N4 4KT D . 0.12 -21.10 11.76
S SO4 E . -14.63 -15.99 28.59
O1 SO4 E . -14.85 -16.69 27.33
O2 SO4 E . -13.19 -15.87 28.83
O3 SO4 E . -15.24 -16.75 29.68
O4 SO4 E . -15.23 -14.65 28.53
C14 4KT F . -23.16 15.55 -1.76
C16 4KT F . -24.56 15.58 -2.01
C17 4KT F . -25.09 15.89 -3.28
C22 4KT F . -28.87 16.89 -3.35
C21 4KT F . -28.62 14.86 -4.29
C20 4KT F . -27.32 17.12 -3.46
C19 4KT F . -24.16 16.18 -4.32
C18 4KT F . -22.78 16.14 -4.04
C3 4KT F . -20.42 15.14 5.32
C2 4KT F . -18.88 15.46 3.55
C4 4KT F . -19.83 15.23 2.52
C5 4KT F . -21.40 14.88 4.35
C11 4KT F . -17.79 14.83 -0.68
C9 4KT F . -19.91 15.49 -1.41
C8 4KT F . -19.43 15.23 1.04
C24 4KT F . -23.75 17.18 -6.53
C6 4KT F . -21.16 14.90 2.97
C1 4KT F . -19.10 15.44 4.95
C7 4KT F . -20.31 15.54 -0.02
N1 4KT F . -18.63 15.12 -1.70
C10 4KT F . -18.14 14.85 0.66
C12 4KT F . -18.07 15.72 5.92
O1 4KT F . -22.20 14.62 2.08
C13 4KT F . -23.49 14.14 2.54
C15 4KT F . -22.21 15.83 -2.79
O2 4KT F . -24.62 16.47 -5.61
N2 4KT F . -26.51 15.91 -3.51
O3 4KT F . -29.12 15.53 -3.13
C23 4KT F . -27.09 14.94 -4.42
N3 4KT F . -20.77 15.82 -2.54
N4 4KT F . -17.22 15.94 6.70
S SO4 G . -5.05 35.24 6.74
O1 SO4 G . -4.34 36.44 7.18
O2 SO4 G . -4.14 34.11 6.83
O3 SO4 G . -5.48 35.42 5.35
O4 SO4 G . -6.21 35.01 7.59
C14 4KT H . 20.81 7.24 -15.81
C16 4KT H . 21.31 7.97 -16.91
C17 4KT H . 21.69 7.36 -18.14
C22 4KT H . 23.92 9.46 -20.61
C21 4KT H . 21.83 9.35 -21.43
C20 4KT H . 23.59 8.31 -19.58
C19 4KT H . 21.54 5.94 -18.20
C18 4KT H . 21.06 5.23 -17.09
C3 4KT H . 21.01 10.44 -9.19
C2 4KT H . 20.39 8.16 -9.24
C4 4KT H . 20.30 8.09 -10.65
C5 4KT H . 20.91 10.45 -10.58
C11 4KT H . 18.61 4.78 -11.41
C9 4KT H . 19.78 5.35 -13.35
C8 4KT H . 19.88 6.85 -11.35
C24 4KT H . 21.37 3.91 -19.55
C6 4KT H . 20.57 9.33 -11.36
C1 4KT H . 20.73 9.27 -8.44
C7 4KT H . 20.24 6.54 -12.67
N1 4KT H . 18.97 4.48 -12.67
C10 4KT H . 19.03 5.92 -10.73
C12 4KT H . 20.81 9.23 -7.01
O1 4KT H . 20.50 9.43 -12.76
C13 4KT H . 20.63 10.68 -13.45
C15 4KT H . 20.67 5.81 -15.86
O2 4KT H . 21.89 5.24 -19.36
N2 4KT H . 22.18 8.12 -19.25
O3 4KT H . 22.79 10.25 -20.87
C23 4KT H . 21.34 8.25 -20.44
N3 4KT H . 20.16 5.02 -14.71
N4 4KT H . 20.87 9.18 -5.85
#